data_5GWV
#
_entry.id   5GWV
#
_cell.length_a   137.940
_cell.length_b   217.697
_cell.length_c   104.549
_cell.angle_alpha   90.00
_cell.angle_beta   90.00
_cell.angle_gamma   90.00
#
_symmetry.space_group_name_H-M   'C 2 2 2'
#
loop_
_entity.id
_entity.type
_entity.pdbx_description
1 polymer 'MoeN5,DNA-binding protein 7d'
2 non-polymer '(2R)-3-dimethoxyphosphoryloxy-2-[(2Z,6E)-3,7,11-trimethyldodeca-2,6,10-trienoxy]propanoic acid'
3 water water
#
_entity_poly.entity_id   1
_entity_poly.type   'polypeptide(L)'
_entity_poly.pdbx_seq_one_letter_code
;MAHHHHHHVDDDDKMLAAEAANRDHVTRCVAQTGGSPDLVAHTAALRLYLRVPHFLTEWTTDPDRRAAVSRALALDIVSM
KLLDDLMDDDTGLDRVELACVCLRLHLRALHELESLARDPKAVTDILEQDAVHLCGGQIRTKRSRATNLREWRAHASTYG
STFLGRYGALAAACGGEGQPADSVREFAEAFAMTITMADDLTDYDRNGERDGNLAHLMRTGAVAGQDVVDLLEELRGRAL
AAVAAPPGAPGLVPVVHLYTDDVLVRLLPRHLGEAGAGAMATVKFKYKGEEKEVDISKIKKVWRVGKMISFTYDEGGGKT
GRGAVSEKDAPKELLQMLEKQKK
;
_entity_poly.pdbx_strand_id   A,B,C,D
#
# COMPACT_ATOMS: atom_id res chain seq x y z
N VAL A 9 3.83 -15.13 -28.71
CA VAL A 9 3.69 -15.13 -27.22
C VAL A 9 5.07 -15.34 -26.55
N ASP A 10 5.75 -14.24 -26.25
CA ASP A 10 7.07 -14.34 -25.64
C ASP A 10 7.05 -14.50 -24.11
N ASP A 11 8.25 -14.55 -23.53
CA ASP A 11 8.41 -14.71 -22.10
C ASP A 11 7.74 -13.61 -21.32
N ASP A 12 7.72 -12.41 -21.88
CA ASP A 12 7.08 -11.30 -21.19
C ASP A 12 5.59 -11.57 -21.07
N ASP A 13 5.00 -12.20 -22.09
CA ASP A 13 3.58 -12.51 -22.08
C ASP A 13 3.24 -13.56 -21.04
N LYS A 14 4.19 -14.45 -20.76
CA LYS A 14 3.98 -15.47 -19.77
C LYS A 14 4.10 -14.84 -18.38
N MET A 15 5.06 -13.94 -18.24
CA MET A 15 5.32 -13.24 -16.99
C MET A 15 4.08 -12.39 -16.60
N LEU A 16 3.57 -11.63 -17.57
CA LEU A 16 2.43 -10.75 -17.31
C LEU A 16 1.18 -11.52 -16.94
N ALA A 17 0.98 -12.68 -17.54
CA ALA A 17 -0.22 -13.47 -17.25
C ALA A 17 -0.07 -14.18 -15.89
N ALA A 18 1.16 -14.58 -15.57
CA ALA A 18 1.43 -15.24 -14.31
C ALA A 18 1.15 -14.23 -13.18
N GLU A 19 1.68 -13.03 -13.33
CA GLU A 19 1.48 -11.98 -12.36
C GLU A 19 0.00 -11.66 -12.17
N ALA A 20 -0.74 -11.53 -13.26
CA ALA A 20 -2.15 -11.23 -13.13
C ALA A 20 -2.86 -12.39 -12.45
N ALA A 21 -2.53 -13.61 -12.84
CA ALA A 21 -3.15 -14.79 -12.26
C ALA A 21 -2.81 -14.89 -10.75
N ASN A 22 -1.58 -14.56 -10.35
CA ASN A 22 -1.25 -14.63 -8.94
C ASN A 22 -2.05 -13.54 -8.18
N ARG A 23 -2.09 -12.33 -8.76
CA ARG A 23 -2.85 -11.24 -8.12
C ARG A 23 -4.33 -11.58 -7.88
N ASP A 24 -4.95 -12.19 -8.88
CA ASP A 24 -6.36 -12.54 -8.78
C ASP A 24 -6.57 -13.59 -7.71
N HIS A 25 -5.71 -14.60 -7.71
CA HIS A 25 -5.78 -15.69 -6.75
C HIS A 25 -5.67 -15.14 -5.33
N VAL A 26 -4.73 -14.20 -5.16
CA VAL A 26 -4.53 -13.58 -3.87
C VAL A 26 -5.73 -12.71 -3.46
N THR A 27 -6.16 -11.78 -4.32
CA THR A 27 -7.29 -10.91 -3.96
C THR A 27 -8.60 -11.65 -3.70
N ARG A 28 -8.87 -12.68 -4.48
CA ARG A 28 -10.09 -13.47 -4.31
C ARG A 28 -10.07 -14.06 -2.90
N CYS A 29 -8.91 -14.57 -2.55
CA CYS A 29 -8.72 -15.19 -1.29
C CYS A 29 -8.83 -14.19 -0.11
N VAL A 30 -8.26 -12.99 -0.27
CA VAL A 30 -8.30 -11.98 0.78
C VAL A 30 -9.76 -11.57 0.97
N ALA A 31 -10.44 -11.40 -0.14
CA ALA A 31 -11.84 -11.00 -0.11
C ALA A 31 -12.75 -12.05 0.48
N GLN A 32 -12.67 -13.32 0.07
CA GLN A 32 -13.59 -14.32 0.66
C GLN A 32 -13.36 -14.54 2.14
N THR A 33 -12.24 -14.10 2.68
CA THR A 33 -12.06 -14.34 4.09
C THR A 33 -12.34 -13.13 4.95
N GLY A 34 -12.99 -12.13 4.38
CA GLY A 34 -13.31 -10.97 5.19
C GLY A 34 -12.50 -9.71 4.94
N GLY A 35 -11.46 -9.79 4.11
CA GLY A 35 -10.65 -8.61 3.84
C GLY A 35 -11.43 -7.38 3.34
N SER A 36 -11.12 -6.22 3.90
CA SER A 36 -11.80 -4.99 3.50
C SER A 36 -11.26 -4.53 2.15
N PRO A 37 -11.98 -3.63 1.47
CA PRO A 37 -11.47 -3.19 0.15
C PRO A 37 -10.04 -2.63 0.22
N ASP A 38 -9.75 -1.86 1.25
CA ASP A 38 -8.42 -1.29 1.43
C ASP A 38 -7.35 -2.38 1.56
N LEU A 39 -7.67 -3.46 2.25
CA LEU A 39 -6.73 -4.55 2.40
C LEU A 39 -6.56 -5.31 1.05
N VAL A 40 -7.66 -5.52 0.33
CA VAL A 40 -7.60 -6.22 -0.94
C VAL A 40 -6.71 -5.41 -1.86
N ALA A 41 -6.90 -4.10 -1.85
CA ALA A 41 -6.11 -3.21 -2.70
C ALA A 41 -4.64 -3.20 -2.34
N HIS A 42 -4.36 -3.16 -1.04
CA HIS A 42 -3.00 -3.15 -0.53
C HIS A 42 -2.29 -4.37 -1.12
N THR A 43 -3.02 -5.47 -1.08
CA THR A 43 -2.60 -6.76 -1.55
C THR A 43 -2.38 -6.79 -3.07
N ALA A 44 -3.27 -6.16 -3.80
CA ALA A 44 -3.16 -6.11 -5.26
C ALA A 44 -1.96 -5.28 -5.72
N ALA A 45 -1.52 -4.36 -4.86
CA ALA A 45 -0.39 -3.49 -5.18
C ALA A 45 1.02 -4.06 -4.94
N LEU A 46 1.12 -5.26 -4.37
CA LEU A 46 2.43 -5.86 -4.12
C LEU A 46 2.86 -6.52 -5.42
N ARG A 47 3.24 -5.69 -6.39
CA ARG A 47 3.63 -6.14 -7.71
C ARG A 47 4.80 -7.11 -7.86
N LEU A 48 5.96 -6.73 -7.35
CA LEU A 48 7.10 -7.60 -7.48
C LEU A 48 6.85 -8.89 -6.76
N TYR A 49 6.29 -8.79 -5.56
CA TYR A 49 6.01 -9.98 -4.73
C TYR A 49 5.09 -10.94 -5.44
N LEU A 50 4.24 -10.42 -6.33
CA LEU A 50 3.30 -11.27 -7.06
C LEU A 50 3.94 -11.81 -8.32
N ARG A 51 4.99 -11.13 -8.76
CA ARG A 51 5.71 -11.50 -9.98
C ARG A 51 6.83 -12.50 -9.69
N VAL A 52 7.53 -12.28 -8.59
CA VAL A 52 8.66 -13.12 -8.25
C VAL A 52 8.38 -14.63 -8.30
N PRO A 53 7.19 -15.09 -7.88
CA PRO A 53 6.98 -16.56 -7.99
C PRO A 53 7.16 -17.08 -9.44
N HIS A 54 6.91 -16.23 -10.43
CA HIS A 54 7.06 -16.67 -11.82
C HIS A 54 8.53 -16.95 -12.15
N PHE A 55 9.43 -16.18 -11.56
CA PHE A 55 10.84 -16.39 -11.82
C PHE A 55 11.22 -17.67 -11.12
N LEU A 56 10.78 -17.84 -9.89
CA LEU A 56 11.14 -19.01 -9.13
C LEU A 56 10.67 -20.30 -9.76
N THR A 57 9.65 -20.22 -10.60
CA THR A 57 9.15 -21.44 -11.18
C THR A 57 9.56 -21.59 -12.62
N GLU A 58 10.61 -20.89 -13.01
CA GLU A 58 11.03 -20.99 -14.40
C GLU A 58 11.54 -22.38 -14.84
N TRP A 59 11.99 -23.23 -13.91
CA TRP A 59 12.51 -24.55 -14.24
C TRP A 59 11.39 -25.59 -14.34
N THR A 60 10.14 -25.17 -14.19
CA THR A 60 9.01 -26.12 -14.24
C THR A 60 8.45 -26.26 -15.65
N THR A 61 8.60 -27.45 -16.23
CA THR A 61 8.15 -27.71 -17.59
C THR A 61 6.65 -27.82 -17.81
N ASP A 62 5.92 -28.42 -16.87
CA ASP A 62 4.46 -28.52 -17.05
C ASP A 62 3.81 -27.15 -16.80
N PRO A 63 3.17 -26.55 -17.83
CA PRO A 63 2.53 -25.24 -17.69
C PRO A 63 1.44 -25.17 -16.63
N ASP A 64 0.69 -26.25 -16.48
CA ASP A 64 -0.36 -26.32 -15.47
C ASP A 64 0.24 -26.37 -14.05
N ARG A 65 1.25 -27.22 -13.84
CA ARG A 65 1.89 -27.33 -12.53
C ARG A 65 2.57 -25.99 -12.19
N ARG A 66 3.24 -25.39 -13.16
CA ARG A 66 3.90 -24.13 -12.91
C ARG A 66 2.94 -23.03 -12.44
N ALA A 67 1.78 -22.91 -13.06
CA ALA A 67 0.82 -21.88 -12.65
C ALA A 67 0.30 -22.19 -11.22
N ALA A 68 0.08 -23.46 -10.92
CA ALA A 68 -0.40 -23.86 -9.61
C ALA A 68 0.68 -23.55 -8.54
N VAL A 69 1.94 -23.88 -8.79
CA VAL A 69 2.94 -23.58 -7.79
C VAL A 69 3.14 -22.06 -7.63
N SER A 70 3.10 -21.37 -8.76
CA SER A 70 3.32 -19.95 -8.79
C SER A 70 2.35 -19.22 -7.89
N ARG A 71 1.07 -19.54 -8.01
CA ARG A 71 0.10 -18.85 -7.17
C ARG A 71 0.09 -19.29 -5.67
N ALA A 72 0.48 -20.53 -5.40
CA ALA A 72 0.58 -21.00 -4.02
C ALA A 72 1.75 -20.24 -3.34
N LEU A 73 2.86 -20.03 -4.06
CA LEU A 73 3.98 -19.25 -3.52
C LEU A 73 3.52 -17.80 -3.31
N ALA A 74 2.76 -17.25 -4.26
CA ALA A 74 2.29 -15.90 -4.15
C ALA A 74 1.43 -15.73 -2.86
N LEU A 75 0.60 -16.72 -2.56
CA LEU A 75 -0.22 -16.64 -1.36
C LEU A 75 0.66 -16.54 -0.10
N ASP A 76 1.67 -17.39 0.06
CA ASP A 76 2.48 -17.30 1.25
C ASP A 76 3.34 -16.05 1.29
N ILE A 77 3.99 -15.72 0.18
CA ILE A 77 4.78 -14.52 0.13
C ILE A 77 3.91 -13.32 0.54
N VAL A 78 2.69 -13.19 0.00
CA VAL A 78 1.86 -12.03 0.41
C VAL A 78 1.53 -12.12 1.92
N SER A 79 1.32 -13.33 2.38
CA SER A 79 1.03 -13.57 3.78
C SER A 79 2.13 -13.03 4.72
N MET A 80 3.37 -13.33 4.37
CA MET A 80 4.54 -12.89 5.11
C MET A 80 4.67 -11.38 4.99
N LYS A 81 4.28 -10.84 3.84
CA LYS A 81 4.35 -9.41 3.69
C LYS A 81 3.35 -8.76 4.66
N LEU A 82 2.15 -9.32 4.77
CA LEU A 82 1.17 -8.75 5.71
C LEU A 82 1.65 -8.91 7.17
N LEU A 83 2.31 -10.02 7.47
CA LEU A 83 2.81 -10.23 8.82
C LEU A 83 3.83 -9.13 9.07
N ASP A 84 4.58 -8.77 8.03
CA ASP A 84 5.56 -7.71 8.18
C ASP A 84 4.87 -6.36 8.33
N ASP A 85 3.70 -6.17 7.70
CA ASP A 85 2.98 -4.90 7.83
C ASP A 85 2.46 -4.78 9.25
N LEU A 86 2.15 -5.93 9.81
CA LEU A 86 1.61 -6.01 11.14
C LEU A 86 2.66 -5.67 12.21
N MET A 87 3.92 -5.94 11.94
CA MET A 87 4.90 -5.61 12.94
C MET A 87 5.37 -4.14 12.86
N ASP A 88 5.40 -3.57 11.66
CA ASP A 88 5.79 -2.17 11.54
C ASP A 88 4.58 -1.29 11.96
N ASP A 89 3.38 -1.87 11.89
CA ASP A 89 2.15 -1.16 12.27
C ASP A 89 2.07 0.26 11.73
N ASP A 90 2.35 0.44 10.44
CA ASP A 90 2.37 1.77 9.85
C ASP A 90 1.63 1.91 8.53
N THR A 91 0.68 1.03 8.25
CA THR A 91 -0.03 1.10 6.98
C THR A 91 -1.42 1.71 7.14
N GLY A 92 -1.82 1.93 8.37
CA GLY A 92 -3.15 2.47 8.62
C GLY A 92 -4.23 1.40 8.43
N LEU A 93 -3.85 0.17 8.09
CA LEU A 93 -4.85 -0.87 7.91
C LEU A 93 -5.26 -1.47 9.26
N ASP A 94 -6.43 -2.08 9.28
CA ASP A 94 -6.95 -2.70 10.49
C ASP A 94 -6.10 -3.92 10.87
N ARG A 95 -5.46 -3.85 12.02
CA ARG A 95 -4.61 -4.94 12.50
C ARG A 95 -5.34 -6.28 12.62
N VAL A 96 -6.64 -6.28 12.89
CA VAL A 96 -7.34 -7.55 13.00
C VAL A 96 -7.43 -8.20 11.63
N GLU A 97 -7.81 -7.41 10.63
CA GLU A 97 -7.87 -7.88 9.24
C GLU A 97 -6.48 -8.35 8.78
N LEU A 98 -5.45 -7.57 9.10
CA LEU A 98 -4.10 -7.91 8.70
C LEU A 98 -3.73 -9.26 9.27
N ALA A 99 -3.99 -9.43 10.55
CA ALA A 99 -3.63 -10.69 11.20
C ALA A 99 -4.44 -11.85 10.67
N CYS A 100 -5.75 -11.69 10.55
CA CYS A 100 -6.58 -12.80 10.09
C CYS A 100 -6.37 -13.26 8.64
N VAL A 101 -6.27 -12.29 7.73
CA VAL A 101 -6.03 -12.55 6.33
C VAL A 101 -4.63 -13.21 6.20
N CYS A 102 -3.63 -12.66 6.89
CA CYS A 102 -2.27 -13.21 6.93
C CYS A 102 -2.36 -14.70 7.23
N LEU A 103 -3.03 -15.05 8.33
CA LEU A 103 -3.14 -16.48 8.67
C LEU A 103 -3.84 -17.25 7.54
N ARG A 104 -4.99 -16.75 7.10
CA ARG A 104 -5.74 -17.43 6.06
C ARG A 104 -4.90 -17.71 4.80
N LEU A 105 -4.23 -16.71 4.23
CA LEU A 105 -3.45 -16.94 3.02
C LEU A 105 -2.36 -17.97 3.26
N HIS A 106 -1.74 -17.91 4.42
CA HIS A 106 -0.64 -18.82 4.75
C HIS A 106 -1.09 -20.25 4.80
N LEU A 107 -2.22 -20.50 5.47
CA LEU A 107 -2.73 -21.87 5.57
C LEU A 107 -3.16 -22.40 4.19
N ARG A 108 -3.75 -21.53 3.35
CA ARG A 108 -4.15 -21.96 2.00
C ARG A 108 -2.90 -22.33 1.19
N ALA A 109 -1.81 -21.57 1.36
CA ALA A 109 -0.58 -21.85 0.66
C ALA A 109 -0.04 -23.22 1.08
N LEU A 110 0.01 -23.48 2.38
CA LEU A 110 0.49 -24.77 2.86
C LEU A 110 -0.34 -25.85 2.20
N HIS A 111 -1.65 -25.66 2.19
CA HIS A 111 -2.51 -26.66 1.59
C HIS A 111 -2.19 -26.86 0.11
N GLU A 112 -2.03 -25.76 -0.63
CA GLU A 112 -1.75 -25.86 -2.06
C GLU A 112 -0.37 -26.43 -2.35
N LEU A 113 0.67 -25.90 -1.70
CA LEU A 113 2.01 -26.43 -1.87
C LEU A 113 2.07 -27.93 -1.50
N GLU A 114 1.56 -28.30 -0.33
CA GLU A 114 1.64 -29.71 0.02
C GLU A 114 0.92 -30.59 -1.00
N SER A 115 -0.13 -30.09 -1.63
CA SER A 115 -0.82 -30.93 -2.60
C SER A 115 -0.10 -30.98 -3.95
N LEU A 116 1.03 -30.28 -4.08
CA LEU A 116 1.77 -30.32 -5.34
C LEU A 116 3.14 -30.93 -5.10
N ALA A 117 3.60 -30.97 -3.86
CA ALA A 117 4.90 -31.53 -3.57
C ALA A 117 5.00 -33.03 -3.79
N ARG A 118 6.16 -33.51 -4.21
CA ARG A 118 6.34 -34.94 -4.39
C ARG A 118 6.11 -35.54 -3.01
N ASP A 119 6.80 -34.98 -2.02
CA ASP A 119 6.67 -35.40 -0.63
C ASP A 119 5.99 -34.29 0.18
N PRO A 120 4.72 -34.47 0.58
CA PRO A 120 4.12 -33.37 1.36
C PRO A 120 5.00 -32.85 2.50
N LYS A 121 5.70 -33.78 3.16
CA LYS A 121 6.61 -33.46 4.26
C LYS A 121 7.75 -32.45 3.90
N ALA A 122 8.12 -32.40 2.63
CA ALA A 122 9.19 -31.51 2.17
C ALA A 122 8.86 -30.05 2.42
N VAL A 123 7.59 -29.72 2.38
CA VAL A 123 7.16 -28.35 2.61
C VAL A 123 7.50 -27.90 4.03
N THR A 124 7.13 -28.71 5.03
CA THR A 124 7.43 -28.29 6.38
C THR A 124 8.90 -28.46 6.71
N ASP A 125 9.60 -29.33 5.99
CA ASP A 125 11.04 -29.52 6.21
C ASP A 125 11.74 -28.19 5.88
N ILE A 126 11.46 -27.69 4.68
CA ILE A 126 12.07 -26.45 4.20
C ILE A 126 11.74 -25.24 5.07
N LEU A 127 10.46 -25.10 5.45
CA LEU A 127 10.07 -23.96 6.26
C LEU A 127 10.70 -24.01 7.67
N GLU A 128 10.85 -25.20 8.24
CA GLU A 128 11.46 -25.32 9.58
C GLU A 128 12.99 -25.18 9.59
N GLN A 129 13.65 -25.76 8.58
CA GLN A 129 15.10 -25.78 8.42
C GLN A 129 15.91 -24.57 8.87
N ASP A 130 15.61 -23.42 8.31
CA ASP A 130 16.31 -22.22 8.70
C ASP A 130 15.27 -21.22 9.24
N ALA A 131 14.23 -21.74 9.89
CA ALA A 131 13.21 -20.87 10.44
C ALA A 131 13.83 -19.96 11.52
N VAL A 132 14.76 -20.52 12.31
CA VAL A 132 15.44 -19.76 13.36
C VAL A 132 16.34 -18.67 12.78
N HIS A 133 17.07 -19.04 11.72
CA HIS A 133 17.96 -18.11 11.03
C HIS A 133 17.19 -16.94 10.41
N LEU A 134 16.03 -17.24 9.81
CA LEU A 134 15.18 -16.22 9.20
C LEU A 134 14.49 -15.35 10.26
N CYS A 135 13.88 -15.97 11.28
CA CYS A 135 13.17 -15.23 12.33
C CYS A 135 14.07 -14.55 13.34
N GLY A 136 15.11 -15.24 13.79
CA GLY A 136 16.04 -14.60 14.73
C GLY A 136 16.77 -13.51 13.95
N GLY A 137 16.95 -13.75 12.65
CA GLY A 137 17.60 -12.78 11.79
C GLY A 137 16.81 -11.49 11.73
N GLN A 138 15.53 -11.58 11.43
CA GLN A 138 14.69 -10.38 11.36
C GLN A 138 14.73 -9.61 12.71
N ILE A 139 14.73 -10.30 13.83
CA ILE A 139 14.77 -9.61 15.11
C ILE A 139 16.05 -8.76 15.24
N ARG A 140 17.21 -9.40 15.01
CA ARG A 140 18.49 -8.71 15.10
C ARG A 140 18.58 -7.53 14.14
N THR A 141 18.01 -7.69 12.94
CA THR A 141 18.01 -6.65 11.92
C THR A 141 17.37 -5.40 12.44
N LYS A 142 16.22 -5.56 13.07
CA LYS A 142 15.49 -4.43 13.61
C LYS A 142 16.10 -3.94 14.93
N ARG A 143 16.87 -4.78 15.61
CA ARG A 143 17.49 -4.33 16.85
C ARG A 143 18.64 -3.38 16.53
N SER A 144 19.73 -3.93 15.99
CA SER A 144 20.91 -3.17 15.65
C SER A 144 21.00 -2.76 14.19
N ARG A 145 20.74 -1.49 13.91
CA ARG A 145 20.81 -0.98 12.53
C ARG A 145 22.23 -0.98 11.97
N ALA A 146 22.34 -1.26 10.68
CA ALA A 146 23.62 -1.35 9.97
C ALA A 146 24.39 -0.03 9.85
N THR A 147 25.73 -0.09 9.88
CA THR A 147 26.56 1.11 9.76
C THR A 147 27.59 1.06 8.64
N ASN A 148 27.61 -0.03 7.88
CA ASN A 148 28.51 -0.17 6.75
C ASN A 148 27.97 -1.27 5.84
N LEU A 149 28.52 -1.38 4.64
CA LEU A 149 28.06 -2.37 3.68
C LEU A 149 28.14 -3.80 4.20
N ARG A 150 29.17 -4.09 5.00
CA ARG A 150 29.35 -5.44 5.53
C ARG A 150 28.15 -5.78 6.43
N GLU A 151 27.78 -4.84 7.29
CA GLU A 151 26.67 -5.07 8.19
C GLU A 151 25.33 -5.12 7.45
N TRP A 152 25.19 -4.33 6.39
CA TRP A 152 23.95 -4.29 5.61
C TRP A 152 23.69 -5.61 4.89
N ARG A 153 24.70 -6.08 4.18
CA ARG A 153 24.59 -7.32 3.42
C ARG A 153 24.28 -8.50 4.34
N ALA A 154 24.81 -8.42 5.55
CA ALA A 154 24.60 -9.46 6.56
C ALA A 154 23.13 -9.55 6.92
N HIS A 155 22.51 -8.40 7.19
CA HIS A 155 21.11 -8.38 7.55
C HIS A 155 20.24 -8.74 6.35
N ALA A 156 20.55 -8.14 5.20
CA ALA A 156 19.79 -8.39 3.98
C ALA A 156 19.82 -9.88 3.63
N SER A 157 20.86 -10.58 4.06
CA SER A 157 20.95 -11.98 3.73
C SER A 157 19.89 -12.82 4.47
N THR A 158 19.32 -12.29 5.56
CA THR A 158 18.30 -13.06 6.24
C THR A 158 16.88 -12.67 5.72
N TYR A 159 16.44 -11.44 5.97
CA TYR A 159 15.11 -11.07 5.53
C TYR A 159 14.98 -11.00 4.00
N GLY A 160 16.10 -10.96 3.29
CA GLY A 160 16.01 -10.93 1.84
C GLY A 160 16.33 -12.30 1.26
N SER A 161 17.61 -12.67 1.35
CA SER A 161 18.06 -13.92 0.77
C SER A 161 17.48 -15.19 1.32
N THR A 162 17.54 -15.38 2.64
CA THR A 162 17.01 -16.57 3.25
C THR A 162 15.52 -16.62 3.01
N PHE A 163 14.91 -15.44 3.08
CA PHE A 163 13.47 -15.32 2.85
C PHE A 163 13.05 -15.88 1.47
N LEU A 164 13.72 -15.43 0.41
CA LEU A 164 13.37 -15.91 -0.92
C LEU A 164 13.94 -17.31 -1.22
N GLY A 165 15.09 -17.61 -0.63
CA GLY A 165 15.72 -18.90 -0.85
C GLY A 165 14.77 -20.02 -0.49
N ARG A 166 14.00 -19.80 0.58
CA ARG A 166 13.02 -20.78 1.03
C ARG A 166 11.96 -21.02 -0.06
N TYR A 167 11.44 -19.95 -0.66
CA TYR A 167 10.46 -20.16 -1.70
C TYR A 167 11.15 -20.75 -2.90
N GLY A 168 12.45 -20.55 -3.01
CA GLY A 168 13.14 -21.15 -4.13
C GLY A 168 13.09 -22.67 -3.95
N ALA A 169 13.41 -23.11 -2.73
CA ALA A 169 13.45 -24.53 -2.44
C ALA A 169 12.07 -25.15 -2.57
N LEU A 170 11.05 -24.40 -2.18
CA LEU A 170 9.68 -24.89 -2.26
C LEU A 170 9.27 -25.04 -3.72
N ALA A 171 9.66 -24.09 -4.55
CA ALA A 171 9.28 -24.19 -5.97
C ALA A 171 9.93 -25.43 -6.56
N ALA A 172 11.12 -25.77 -6.09
CA ALA A 172 11.80 -26.93 -6.63
C ALA A 172 11.15 -28.18 -6.12
N ALA A 173 10.72 -28.14 -4.87
CA ALA A 173 10.11 -29.31 -4.26
C ALA A 173 8.71 -29.58 -4.79
N CYS A 174 8.05 -28.56 -5.33
CA CYS A 174 6.68 -28.73 -5.81
C CYS A 174 6.60 -28.69 -7.33
N GLY A 175 7.76 -28.50 -7.96
CA GLY A 175 7.76 -28.42 -9.40
C GLY A 175 8.01 -29.69 -10.17
N GLY A 176 7.97 -30.87 -9.55
CA GLY A 176 8.23 -32.08 -10.32
C GLY A 176 9.72 -32.24 -10.65
N GLU A 177 10.08 -33.17 -11.52
CA GLU A 177 11.52 -33.32 -11.81
C GLU A 177 12.14 -32.41 -12.85
N GLY A 178 13.46 -32.51 -12.89
CA GLY A 178 14.24 -31.68 -13.78
C GLY A 178 14.49 -30.39 -13.02
N GLN A 179 14.51 -30.47 -11.69
CA GLN A 179 14.71 -29.28 -10.92
C GLN A 179 16.02 -29.34 -10.14
N PRO A 180 17.00 -28.48 -10.51
CA PRO A 180 18.29 -28.46 -9.81
C PRO A 180 18.08 -27.64 -8.54
N ALA A 181 17.46 -28.26 -7.55
CA ALA A 181 17.11 -27.62 -6.28
C ALA A 181 18.10 -26.63 -5.66
N ASP A 182 19.39 -26.95 -5.65
CA ASP A 182 20.36 -26.02 -5.08
C ASP A 182 20.56 -24.78 -5.95
N SER A 183 20.39 -24.91 -7.26
CA SER A 183 20.57 -23.75 -8.12
C SER A 183 19.37 -22.85 -8.05
N VAL A 184 18.18 -23.44 -7.94
CA VAL A 184 16.95 -22.64 -7.86
C VAL A 184 17.12 -21.72 -6.63
N ARG A 185 17.57 -22.33 -5.55
CA ARG A 185 17.76 -21.60 -4.32
C ARG A 185 18.87 -20.54 -4.44
N GLU A 186 20.00 -20.92 -5.03
CA GLU A 186 21.13 -19.99 -5.23
C GLU A 186 20.61 -18.77 -5.96
N PHE A 187 19.80 -19.02 -6.99
CA PHE A 187 19.23 -17.98 -7.79
C PHE A 187 18.41 -17.04 -6.95
N ALA A 188 17.43 -17.60 -6.23
CA ALA A 188 16.55 -16.80 -5.39
C ALA A 188 17.32 -15.96 -4.36
N GLU A 189 18.36 -16.52 -3.77
CA GLU A 189 19.08 -15.76 -2.78
C GLU A 189 19.86 -14.60 -3.33
N ALA A 190 20.45 -14.80 -4.51
CA ALA A 190 21.21 -13.72 -5.12
C ALA A 190 20.23 -12.66 -5.66
N PHE A 191 19.20 -13.13 -6.35
CA PHE A 191 18.23 -12.22 -6.90
C PHE A 191 17.54 -11.43 -5.77
N ALA A 192 17.24 -12.12 -4.68
CA ALA A 192 16.59 -11.44 -3.56
C ALA A 192 17.44 -10.28 -3.05
N MET A 193 18.76 -10.44 -3.02
CA MET A 193 19.52 -9.32 -2.50
C MET A 193 19.59 -8.12 -3.46
N THR A 194 19.59 -8.38 -4.76
CA THR A 194 19.57 -7.34 -5.78
C THR A 194 18.29 -6.54 -5.53
N ILE A 195 17.15 -7.22 -5.46
CA ILE A 195 15.92 -6.48 -5.23
C ILE A 195 15.77 -5.86 -3.86
N THR A 196 16.43 -6.39 -2.83
CA THR A 196 16.36 -5.80 -1.51
C THR A 196 17.12 -4.49 -1.56
N MET A 197 18.26 -4.45 -2.24
CA MET A 197 18.99 -3.18 -2.36
C MET A 197 18.09 -2.19 -3.11
N ALA A 198 17.43 -2.68 -4.15
CA ALA A 198 16.57 -1.82 -4.95
C ALA A 198 15.56 -1.17 -4.03
N ASP A 199 14.84 -1.99 -3.28
CA ASP A 199 13.85 -1.50 -2.34
C ASP A 199 14.44 -0.45 -1.40
N ASP A 200 15.58 -0.77 -0.81
CA ASP A 200 16.24 0.15 0.09
C ASP A 200 16.43 1.51 -0.57
N LEU A 201 16.93 1.49 -1.81
CA LEU A 201 17.20 2.74 -2.53
C LEU A 201 15.95 3.42 -3.13
N THR A 202 14.80 2.81 -2.94
CA THR A 202 13.55 3.36 -3.45
C THR A 202 12.75 3.84 -2.23
N ASP A 203 12.81 3.04 -1.17
CA ASP A 203 12.13 3.31 0.11
C ASP A 203 12.72 4.45 0.92
N TYR A 204 13.90 4.93 0.54
CA TYR A 204 14.52 6.04 1.23
C TYR A 204 13.61 7.26 1.05
N ASP A 205 13.20 7.51 -0.19
CA ASP A 205 12.34 8.67 -0.48
C ASP A 205 10.85 8.37 -0.32
N ARG A 206 10.40 7.20 -0.78
CA ARG A 206 8.98 6.86 -0.69
C ARG A 206 8.48 6.65 0.75
N ASN A 207 9.35 6.13 1.61
CA ASN A 207 9.01 5.84 3.01
C ASN A 207 9.69 6.76 4.04
N GLY A 208 10.72 7.49 3.62
CA GLY A 208 11.43 8.37 4.54
C GLY A 208 12.31 7.55 5.49
N GLU A 209 12.77 6.40 5.00
CA GLU A 209 13.63 5.49 5.79
C GLU A 209 15.05 6.02 5.96
N ARG A 210 15.57 5.88 7.18
CA ARG A 210 16.93 6.34 7.52
C ARG A 210 17.84 5.29 8.18
N ASP A 211 17.51 4.89 9.41
CA ASP A 211 18.33 3.93 10.14
C ASP A 211 18.49 2.56 9.52
N GLY A 212 19.74 2.20 9.23
CA GLY A 212 20.04 0.90 8.62
C GLY A 212 19.83 0.87 7.11
N ASN A 213 19.11 1.86 6.59
CA ASN A 213 18.80 2.01 5.18
C ASN A 213 20.08 2.25 4.40
N LEU A 214 20.29 1.46 3.36
CA LEU A 214 21.48 1.54 2.52
C LEU A 214 21.64 2.88 1.80
N ALA A 215 20.52 3.49 1.41
CA ALA A 215 20.55 4.77 0.73
C ALA A 215 21.06 5.84 1.70
N HIS A 216 20.64 5.73 2.94
CA HIS A 216 21.06 6.67 3.97
C HIS A 216 22.57 6.56 4.21
N LEU A 217 23.05 5.33 4.41
CA LEU A 217 24.47 5.08 4.63
C LEU A 217 25.26 5.62 3.45
N MET A 218 24.70 5.50 2.26
CA MET A 218 25.37 5.95 1.07
C MET A 218 25.55 7.46 1.05
N ARG A 219 24.50 8.17 1.42
CA ARG A 219 24.53 9.63 1.43
C ARG A 219 25.40 10.17 2.57
N THR A 220 25.34 9.54 3.75
CA THR A 220 26.15 9.97 4.90
C THR A 220 27.60 9.52 4.76
N GLY A 221 27.95 8.94 3.62
CA GLY A 221 29.32 8.50 3.40
C GLY A 221 29.79 7.24 4.11
N ALA A 222 28.91 6.57 4.84
CA ALA A 222 29.29 5.33 5.54
C ALA A 222 29.59 4.19 4.54
N VAL A 223 29.09 4.35 3.31
CA VAL A 223 29.27 3.36 2.25
C VAL A 223 29.62 3.98 0.89
N ALA A 224 30.62 3.42 0.22
CA ALA A 224 31.09 3.93 -1.07
C ALA A 224 30.28 3.41 -2.26
N GLY A 225 29.99 4.29 -3.22
CA GLY A 225 29.24 3.88 -4.37
C GLY A 225 29.85 2.71 -5.13
N GLN A 226 31.19 2.67 -5.27
CA GLN A 226 31.85 1.57 -6.01
C GLN A 226 31.60 0.24 -5.31
N ASP A 227 31.66 0.23 -3.98
CA ASP A 227 31.39 -1.01 -3.25
C ASP A 227 30.01 -1.55 -3.61
N VAL A 228 29.02 -0.65 -3.65
CA VAL A 228 27.64 -0.98 -3.98
C VAL A 228 27.57 -1.52 -5.41
N VAL A 229 28.31 -0.88 -6.32
CA VAL A 229 28.34 -1.36 -7.69
C VAL A 229 28.93 -2.76 -7.73
N ASP A 230 29.98 -2.99 -6.92
CA ASP A 230 30.64 -4.31 -6.90
C ASP A 230 29.71 -5.41 -6.38
N LEU A 231 29.01 -5.11 -5.31
CA LEU A 231 28.08 -6.05 -4.73
C LEU A 231 27.05 -6.45 -5.80
N LEU A 232 26.48 -5.47 -6.50
CA LEU A 232 25.50 -5.74 -7.54
C LEU A 232 26.12 -6.64 -8.61
N GLU A 233 27.33 -6.32 -9.04
CA GLU A 233 27.97 -7.16 -10.06
C GLU A 233 28.23 -8.57 -9.51
N GLU A 234 28.53 -8.68 -8.23
CA GLU A 234 28.75 -10.00 -7.66
C GLU A 234 27.44 -10.79 -7.69
N LEU A 235 26.35 -10.17 -7.24
CA LEU A 235 25.04 -10.81 -7.22
C LEU A 235 24.58 -11.16 -8.62
N ARG A 236 24.87 -10.31 -9.60
CA ARG A 236 24.47 -10.56 -10.98
C ARG A 236 25.18 -11.83 -11.39
N GLY A 237 26.48 -11.84 -11.08
CA GLY A 237 27.34 -12.98 -11.41
C GLY A 237 26.82 -14.26 -10.79
N ARG A 238 26.48 -14.21 -9.52
CA ARG A 238 25.96 -15.39 -8.83
C ARG A 238 24.61 -15.84 -9.41
N ALA A 239 23.76 -14.90 -9.80
CA ALA A 239 22.48 -15.28 -10.35
C ALA A 239 22.64 -15.92 -11.73
N LEU A 240 23.46 -15.31 -12.58
CA LEU A 240 23.67 -15.88 -13.91
C LEU A 240 24.22 -17.28 -13.77
N ALA A 241 25.14 -17.48 -12.83
CA ALA A 241 25.69 -18.82 -12.71
C ALA A 241 24.62 -19.82 -12.29
N ALA A 242 23.82 -19.45 -11.31
CA ALA A 242 22.82 -20.38 -10.81
C ALA A 242 21.87 -20.85 -11.91
N VAL A 243 21.54 -19.96 -12.84
CA VAL A 243 20.60 -20.35 -13.90
C VAL A 243 21.28 -21.09 -15.08
N ALA A 244 22.61 -21.23 -15.02
CA ALA A 244 23.28 -21.95 -16.08
C ALA A 244 23.54 -23.40 -15.69
N ALA A 245 23.30 -23.75 -14.43
CA ALA A 245 23.48 -25.14 -13.99
C ALA A 245 22.41 -25.97 -14.70
N PRO A 246 22.73 -27.23 -15.05
CA PRO A 246 21.75 -28.08 -15.75
C PRO A 246 20.62 -28.55 -14.85
N PRO A 247 19.40 -28.62 -15.37
CA PRO A 247 18.95 -28.32 -16.74
C PRO A 247 19.01 -26.87 -17.23
N GLY A 248 19.11 -25.90 -16.35
CA GLY A 248 19.19 -24.54 -16.85
C GLY A 248 17.88 -23.82 -17.08
N ALA A 249 17.88 -22.52 -16.77
CA ALA A 249 16.70 -21.65 -16.93
C ALA A 249 17.18 -20.40 -17.70
N PRO A 250 17.48 -20.55 -18.99
CA PRO A 250 17.94 -19.41 -19.79
C PRO A 250 16.99 -18.24 -19.79
N GLY A 251 15.71 -18.53 -19.55
CA GLY A 251 14.71 -17.47 -19.52
C GLY A 251 14.98 -16.39 -18.49
N LEU A 252 15.69 -16.75 -17.42
CA LEU A 252 15.97 -15.82 -16.32
C LEU A 252 17.15 -14.88 -16.57
N VAL A 253 17.97 -15.17 -17.57
CA VAL A 253 19.12 -14.34 -17.85
C VAL A 253 18.74 -12.86 -18.08
N PRO A 254 17.82 -12.60 -19.02
CA PRO A 254 17.46 -11.20 -19.23
C PRO A 254 16.87 -10.59 -17.97
N VAL A 255 16.16 -11.41 -17.18
CA VAL A 255 15.55 -10.92 -15.95
C VAL A 255 16.65 -10.45 -14.98
N VAL A 256 17.70 -11.24 -14.83
CA VAL A 256 18.77 -10.88 -13.93
C VAL A 256 19.40 -9.54 -14.33
N HIS A 257 19.59 -9.36 -15.64
CA HIS A 257 20.17 -8.13 -16.14
C HIS A 257 19.21 -6.95 -15.93
N LEU A 258 17.93 -7.18 -16.20
CA LEU A 258 16.93 -6.12 -16.04
C LEU A 258 16.94 -5.49 -14.65
N TYR A 259 16.77 -6.29 -13.61
CA TYR A 259 16.75 -5.75 -12.26
C TYR A 259 18.09 -5.20 -11.80
N THR A 260 19.18 -5.80 -12.25
CA THR A 260 20.49 -5.30 -11.84
C THR A 260 20.80 -3.95 -12.50
N ASP A 261 20.59 -3.87 -13.81
CA ASP A 261 20.91 -2.63 -14.52
C ASP A 261 20.04 -1.50 -14.00
N ASP A 262 18.79 -1.80 -13.65
CA ASP A 262 17.95 -0.76 -13.12
C ASP A 262 18.52 -0.16 -11.82
N VAL A 263 19.02 -1.00 -10.90
CA VAL A 263 19.60 -0.42 -9.68
C VAL A 263 20.82 0.46 -10.05
N LEU A 264 21.61 0.01 -11.02
CA LEU A 264 22.79 0.74 -11.48
C LEU A 264 22.51 2.06 -12.20
N VAL A 265 21.69 1.98 -13.23
CA VAL A 265 21.33 3.11 -14.07
C VAL A 265 20.33 4.10 -13.46
N ARG A 266 19.24 3.60 -12.88
CA ARG A 266 18.23 4.49 -12.33
C ARG A 266 18.37 4.83 -10.85
N LEU A 267 18.51 3.81 -10.01
CA LEU A 267 18.56 4.08 -8.57
C LEU A 267 19.83 4.62 -7.92
N LEU A 268 21.00 4.11 -8.28
CA LEU A 268 22.22 4.57 -7.63
C LEU A 268 22.50 6.06 -7.79
N PRO A 269 22.28 6.61 -9.00
CA PRO A 269 22.55 8.04 -9.22
C PRO A 269 21.78 8.91 -8.25
N ARG A 270 20.67 8.41 -7.75
CA ARG A 270 19.87 9.19 -6.84
C ARG A 270 20.54 9.35 -5.48
N HIS A 271 21.61 8.59 -5.24
CA HIS A 271 22.24 8.68 -3.94
C HIS A 271 23.68 9.11 -3.98
N LEU A 272 24.18 9.29 -5.19
CA LEU A 272 25.56 9.70 -5.45
C LEU A 272 25.59 10.81 -6.51
N ASP B 10 -3.19 -39.56 40.45
CA ASP B 10 -1.87 -39.22 39.83
C ASP B 10 -2.09 -38.55 38.47
N ASP B 11 -3.35 -38.42 38.06
CA ASP B 11 -3.67 -37.77 36.80
C ASP B 11 -3.41 -36.29 36.97
N ASP B 12 -3.49 -35.84 38.21
CA ASP B 12 -3.24 -34.46 38.54
C ASP B 12 -1.75 -34.23 38.41
N ASP B 13 -0.96 -35.24 38.78
CA ASP B 13 0.48 -35.08 38.66
C ASP B 13 0.93 -35.19 37.22
N LYS B 14 0.19 -35.95 36.40
CA LYS B 14 0.53 -36.09 34.98
C LYS B 14 0.20 -34.78 34.27
N MET B 15 -0.96 -34.23 34.59
CA MET B 15 -1.49 -33.00 34.05
C MET B 15 -0.51 -31.85 34.35
N LEU B 16 0.00 -31.82 35.58
CA LEU B 16 0.95 -30.79 35.99
C LEU B 16 2.26 -30.95 35.28
N ALA B 17 2.74 -32.18 35.19
CA ALA B 17 4.00 -32.40 34.54
C ALA B 17 3.89 -31.99 33.07
N ALA B 18 2.82 -32.43 32.44
CA ALA B 18 2.60 -32.14 31.04
C ALA B 18 2.71 -30.62 30.80
N GLU B 19 1.99 -29.84 31.59
CA GLU B 19 2.03 -28.40 31.46
C GLU B 19 3.47 -27.86 31.57
N ALA B 20 4.22 -28.37 32.54
CA ALA B 20 5.59 -27.94 32.75
C ALA B 20 6.47 -28.34 31.58
N ALA B 21 6.19 -29.51 31.01
CA ALA B 21 6.98 -30.01 29.88
C ALA B 21 6.69 -29.14 28.68
N ASN B 22 5.43 -28.78 28.49
CA ASN B 22 5.13 -27.92 27.36
C ASN B 22 5.74 -26.53 27.61
N ARG B 23 5.66 -26.06 28.85
CA ARG B 23 6.23 -24.74 29.17
C ARG B 23 7.70 -24.78 28.78
N ASP B 24 8.39 -25.85 29.16
CA ASP B 24 9.80 -25.94 28.84
C ASP B 24 10.05 -25.87 27.34
N HIS B 25 9.37 -26.73 26.59
CA HIS B 25 9.53 -26.79 25.15
C HIS B 25 9.26 -25.45 24.48
N VAL B 26 8.20 -24.77 24.87
CA VAL B 26 7.89 -23.48 24.28
C VAL B 26 8.90 -22.38 24.60
N THR B 27 9.19 -22.17 25.88
CA THR B 27 10.12 -21.11 26.28
C THR B 27 11.51 -21.29 25.65
N ARG B 28 12.04 -22.51 25.60
CA ARG B 28 13.35 -22.73 24.99
C ARG B 28 13.30 -22.30 23.53
N CYS B 29 12.22 -22.71 22.88
CA CYS B 29 12.03 -22.39 21.51
C CYS B 29 11.94 -20.88 21.31
N VAL B 30 11.25 -20.19 22.22
CA VAL B 30 11.13 -18.75 22.12
C VAL B 30 12.51 -18.14 22.31
N ALA B 31 13.24 -18.63 23.31
CA ALA B 31 14.58 -18.13 23.61
C ALA B 31 15.56 -18.35 22.44
N GLN B 32 15.60 -19.57 21.93
CA GLN B 32 16.48 -19.92 20.82
C GLN B 32 16.25 -19.02 19.60
N THR B 33 15.06 -18.44 19.44
CA THR B 33 14.81 -17.58 18.27
C THR B 33 15.13 -16.11 18.50
N GLY B 34 15.57 -15.72 19.69
CA GLY B 34 15.85 -14.29 19.86
C GLY B 34 14.77 -13.56 20.67
N GLY B 35 13.85 -14.34 21.25
CA GLY B 35 12.80 -13.76 22.06
C GLY B 35 13.43 -13.23 23.34
N SER B 36 13.03 -12.03 23.72
CA SER B 36 13.54 -11.36 24.94
C SER B 36 13.02 -12.07 26.22
N PRO B 37 13.64 -11.79 27.39
CA PRO B 37 13.18 -12.41 28.63
C PRO B 37 11.70 -12.13 28.88
N ASP B 38 11.26 -10.91 28.57
CA ASP B 38 9.88 -10.52 28.76
C ASP B 38 8.94 -11.42 28.00
N LEU B 39 9.27 -11.62 26.72
CA LEU B 39 8.41 -12.44 25.87
C LEU B 39 8.47 -13.87 26.38
N VAL B 40 9.64 -14.34 26.77
CA VAL B 40 9.74 -15.70 27.27
C VAL B 40 8.80 -15.84 28.48
N ALA B 41 8.82 -14.86 29.38
CA ALA B 41 7.98 -14.89 30.57
C ALA B 41 6.55 -14.80 30.17
N HIS B 42 6.25 -14.00 29.16
CA HIS B 42 4.87 -13.88 28.69
C HIS B 42 4.32 -15.28 28.29
N THR B 43 5.05 -15.99 27.45
CA THR B 43 4.58 -17.29 27.05
C THR B 43 4.60 -18.30 28.17
N ALA B 44 5.51 -18.14 29.12
CA ALA B 44 5.55 -19.09 30.23
C ALA B 44 4.30 -18.91 31.12
N ALA B 45 3.73 -17.69 31.12
CA ALA B 45 2.55 -17.38 31.90
C ALA B 45 1.24 -17.95 31.31
N LEU B 46 1.26 -18.42 30.05
CA LEU B 46 0.05 -18.97 29.41
C LEU B 46 -0.26 -20.37 30.00
N ARG B 47 -0.59 -20.40 31.28
CA ARG B 47 -0.84 -21.67 31.94
C ARG B 47 -1.87 -22.60 31.28
N LEU B 48 -3.12 -22.14 31.13
CA LEU B 48 -4.16 -22.98 30.53
C LEU B 48 -3.85 -23.35 29.10
N TYR B 49 -3.30 -22.42 28.32
CA TYR B 49 -2.93 -22.72 26.93
C TYR B 49 -1.92 -23.86 26.91
N LEU B 50 -1.00 -23.85 27.87
CA LEU B 50 0.03 -24.87 27.90
C LEU B 50 -0.48 -26.19 28.43
N ARG B 51 -1.59 -26.14 29.17
CA ARG B 51 -2.11 -27.39 29.73
C ARG B 51 -3.11 -28.06 28.82
N VAL B 52 -3.90 -27.25 28.16
CA VAL B 52 -4.92 -27.76 27.28
C VAL B 52 -4.44 -28.90 26.38
N PRO B 53 -3.21 -28.83 25.84
CA PRO B 53 -2.80 -29.95 25.00
C PRO B 53 -2.86 -31.29 25.73
N HIS B 54 -2.66 -31.28 27.04
CA HIS B 54 -2.74 -32.51 27.82
C HIS B 54 -4.17 -33.09 27.73
N PHE B 55 -5.18 -32.22 27.83
CA PHE B 55 -6.55 -32.69 27.73
C PHE B 55 -6.83 -33.25 26.34
N LEU B 56 -6.37 -32.55 25.31
CA LEU B 56 -6.61 -32.96 23.93
C LEU B 56 -5.98 -34.30 23.59
N THR B 57 -4.87 -34.64 24.22
CA THR B 57 -4.22 -35.93 23.92
C THR B 57 -4.55 -37.05 24.93
N GLU B 58 -5.61 -36.86 25.71
CA GLU B 58 -5.95 -37.83 26.74
C GLU B 58 -6.27 -39.23 26.18
N TRP B 59 -6.63 -39.31 24.89
CA TRP B 59 -6.98 -40.59 24.28
C TRP B 59 -5.75 -41.30 23.69
N THR B 60 -4.58 -40.69 23.85
CA THR B 60 -3.36 -41.24 23.29
C THR B 60 -2.71 -42.24 24.22
N THR B 61 -2.69 -43.50 23.78
CA THR B 61 -2.16 -44.60 24.57
C THR B 61 -0.65 -44.64 24.75
N ASP B 62 0.12 -44.35 23.71
CA ASP B 62 1.56 -44.37 23.89
C ASP B 62 2.07 -43.11 24.54
N PRO B 63 2.58 -43.23 25.77
CA PRO B 63 3.09 -42.08 26.52
C PRO B 63 4.10 -41.20 25.78
N ASP B 64 5.02 -41.82 25.04
CA ASP B 64 6.01 -41.05 24.32
C ASP B 64 5.39 -40.26 23.18
N ARG B 65 4.37 -40.84 22.54
CA ARG B 65 3.75 -40.12 21.45
C ARG B 65 2.88 -39.03 22.06
N ARG B 66 2.20 -39.35 23.16
CA ARG B 66 1.36 -38.35 23.79
C ARG B 66 2.18 -37.11 24.11
N ALA B 67 3.32 -37.28 24.77
CA ALA B 67 4.15 -36.12 25.11
C ALA B 67 4.59 -35.34 23.88
N ALA B 68 4.97 -36.04 22.80
CA ALA B 68 5.42 -35.36 21.58
C ALA B 68 4.29 -34.55 20.94
N VAL B 69 3.08 -35.09 20.93
CA VAL B 69 1.95 -34.36 20.33
C VAL B 69 1.54 -33.17 21.20
N SER B 70 1.49 -33.42 22.50
CA SER B 70 1.10 -32.41 23.46
C SER B 70 1.94 -31.16 23.31
N ARG B 71 3.26 -31.34 23.24
CA ARG B 71 4.13 -30.18 23.12
C ARG B 71 4.05 -29.48 21.75
N ALA B 72 3.84 -30.27 20.69
CA ALA B 72 3.72 -29.68 19.35
C ALA B 72 2.46 -28.79 19.35
N LEU B 73 1.37 -29.30 19.92
CA LEU B 73 0.16 -28.49 20.00
C LEU B 73 0.43 -27.22 20.82
N ALA B 74 1.18 -27.36 21.92
CA ALA B 74 1.46 -26.19 22.77
C ALA B 74 2.12 -25.11 21.93
N LEU B 75 3.09 -25.55 21.13
CA LEU B 75 3.79 -24.66 20.22
C LEU B 75 2.88 -23.82 19.35
N ASP B 76 1.91 -24.45 18.70
CA ASP B 76 1.05 -23.67 17.80
C ASP B 76 0.00 -22.85 18.51
N ILE B 77 -0.56 -23.42 19.56
CA ILE B 77 -1.55 -22.70 20.31
C ILE B 77 -0.90 -21.42 20.82
N VAL B 78 0.34 -21.49 21.30
CA VAL B 78 0.97 -20.27 21.83
C VAL B 78 1.23 -19.25 20.77
N SER B 79 1.65 -19.75 19.62
CA SER B 79 1.97 -18.94 18.47
C SER B 79 0.74 -18.13 18.08
N MET B 80 -0.41 -18.81 18.03
CA MET B 80 -1.66 -18.14 17.70
C MET B 80 -1.97 -17.13 18.77
N LYS B 81 -1.61 -17.41 20.01
CA LYS B 81 -1.85 -16.43 21.05
C LYS B 81 -0.95 -15.22 20.84
N LEU B 82 0.28 -15.43 20.38
CA LEU B 82 1.16 -14.29 20.10
C LEU B 82 0.62 -13.49 18.90
N LEU B 83 -0.02 -14.17 17.94
CA LEU B 83 -0.56 -13.51 16.75
C LEU B 83 -1.67 -12.58 17.26
N ASP B 84 -2.51 -13.12 18.14
CA ASP B 84 -3.59 -12.35 18.74
C ASP B 84 -3.00 -11.16 19.53
N ASP B 85 -1.91 -11.36 20.31
CA ASP B 85 -1.31 -10.24 21.06
C ASP B 85 -0.85 -9.17 20.10
N LEU B 86 -0.40 -9.61 18.93
CA LEU B 86 0.10 -8.70 17.92
C LEU B 86 -1.00 -7.91 17.26
N MET B 87 -2.20 -8.46 17.14
CA MET B 87 -3.26 -7.67 16.52
C MET B 87 -3.85 -6.67 17.51
N ASP B 88 -3.88 -7.01 18.79
CA ASP B 88 -4.40 -6.07 19.76
C ASP B 88 -3.33 -5.02 20.10
N ASP B 89 -2.06 -5.39 19.95
CA ASP B 89 -0.93 -4.50 20.21
C ASP B 89 -1.10 -3.65 21.49
N ASP B 90 -1.29 -4.34 22.60
CA ASP B 90 -1.50 -3.71 23.88
C ASP B 90 -0.79 -4.46 24.99
N THR B 91 0.19 -5.31 24.66
CA THR B 91 0.91 -6.07 25.68
C THR B 91 2.18 -5.35 26.13
N GLY B 92 2.61 -4.36 25.35
CA GLY B 92 3.83 -3.66 25.66
C GLY B 92 5.04 -4.48 25.20
N LEU B 93 4.81 -5.65 24.61
CA LEU B 93 5.91 -6.46 24.12
C LEU B 93 6.35 -5.92 22.73
N ASP B 94 7.57 -6.24 22.33
CA ASP B 94 8.11 -5.79 21.04
C ASP B 94 7.42 -6.49 19.86
N ARG B 95 6.78 -5.71 19.00
CA ARG B 95 6.06 -6.25 17.86
C ARG B 95 6.89 -7.12 16.93
N VAL B 96 8.17 -6.82 16.80
CA VAL B 96 9.01 -7.62 15.92
C VAL B 96 9.21 -9.00 16.54
N GLU B 97 9.53 -9.02 17.83
CA GLU B 97 9.74 -10.29 18.49
C GLU B 97 8.45 -11.08 18.47
N LEU B 98 7.32 -10.41 18.65
CA LEU B 98 6.04 -11.10 18.68
C LEU B 98 5.81 -11.78 17.34
N ALA B 99 5.95 -11.03 16.25
CA ALA B 99 5.77 -11.56 14.92
C ALA B 99 6.76 -12.69 14.58
N CYS B 100 8.04 -12.47 14.86
CA CYS B 100 9.00 -13.49 14.51
C CYS B 100 8.91 -14.78 15.33
N VAL B 101 8.63 -14.65 16.62
CA VAL B 101 8.52 -15.83 17.47
C VAL B 101 7.23 -16.50 17.10
N CYS B 102 6.20 -15.71 16.80
CA CYS B 102 4.93 -16.27 16.37
C CYS B 102 5.19 -17.21 15.19
N LEU B 103 5.80 -16.68 14.14
CA LEU B 103 6.07 -17.53 12.97
C LEU B 103 6.96 -18.75 13.29
N ARG B 104 8.05 -18.54 14.03
CA ARG B 104 8.96 -19.62 14.32
C ARG B 104 8.34 -20.80 15.05
N LEU B 105 7.55 -20.53 16.09
CA LEU B 105 6.91 -21.60 16.86
C LEU B 105 5.90 -22.32 16.01
N HIS B 106 5.19 -21.57 15.19
CA HIS B 106 4.18 -22.16 14.33
C HIS B 106 4.83 -23.09 13.34
N LEU B 107 5.96 -22.69 12.76
CA LEU B 107 6.62 -23.54 11.78
C LEU B 107 7.17 -24.78 12.45
N ARG B 108 7.60 -24.66 13.70
CA ARG B 108 8.13 -25.79 14.44
C ARG B 108 6.98 -26.77 14.72
N ALA B 109 5.83 -26.24 15.13
CA ALA B 109 4.66 -27.08 15.43
C ALA B 109 4.27 -27.90 14.19
N LEU B 110 4.20 -27.23 13.04
CA LEU B 110 3.86 -27.89 11.79
C LEU B 110 4.83 -29.05 11.54
N HIS B 111 6.12 -28.79 11.69
CA HIS B 111 7.08 -29.84 11.46
C HIS B 111 6.89 -31.00 12.44
N GLU B 112 6.64 -30.70 13.72
CA GLU B 112 6.48 -31.78 14.71
C GLU B 112 5.23 -32.63 14.51
N LEU B 113 4.12 -31.96 14.26
CA LEU B 113 2.86 -32.61 14.01
C LEU B 113 2.94 -33.45 12.73
N GLU B 114 3.44 -32.87 11.63
CA GLU B 114 3.51 -33.67 10.41
C GLU B 114 4.33 -34.90 10.61
N SER B 115 5.29 -34.86 11.54
CA SER B 115 6.13 -36.01 11.82
C SER B 115 5.39 -37.10 12.60
N LEU B 116 4.25 -36.74 13.21
CA LEU B 116 3.51 -37.71 14.00
C LEU B 116 2.21 -38.10 13.34
N ALA B 117 1.84 -37.37 12.29
CA ALA B 117 0.57 -37.61 11.61
C ALA B 117 0.44 -38.97 10.95
N ARG B 118 -0.79 -39.45 10.90
CA ARG B 118 -1.08 -40.73 10.27
C ARG B 118 -0.85 -40.52 8.78
N ASP B 119 -1.47 -39.47 8.26
CA ASP B 119 -1.41 -39.11 6.86
C ASP B 119 -0.56 -37.84 6.67
N PRO B 120 0.22 -37.80 5.59
CA PRO B 120 1.08 -36.63 5.33
C PRO B 120 0.33 -35.33 5.12
N LYS B 121 -0.86 -35.40 4.54
CA LYS B 121 -1.66 -34.21 4.28
C LYS B 121 -2.67 -33.84 5.40
N ALA B 122 -2.79 -34.69 6.41
CA ALA B 122 -3.78 -34.43 7.45
C ALA B 122 -3.63 -33.11 8.21
N VAL B 123 -2.40 -32.70 8.55
CA VAL B 123 -2.20 -31.46 9.28
C VAL B 123 -2.71 -30.26 8.49
N THR B 124 -2.25 -30.11 7.25
CA THR B 124 -2.67 -28.97 6.45
C THR B 124 -4.12 -29.10 6.03
N ASP B 125 -4.65 -30.32 5.88
CA ASP B 125 -6.08 -30.46 5.53
C ASP B 125 -6.88 -29.83 6.66
N ILE B 126 -6.59 -30.28 7.87
CA ILE B 126 -7.29 -29.81 9.05
C ILE B 126 -7.20 -28.27 9.23
N LEU B 127 -6.01 -27.69 9.03
CA LEU B 127 -5.85 -26.24 9.19
C LEU B 127 -6.55 -25.45 8.09
N GLU B 128 -6.64 -26.04 6.90
CA GLU B 128 -7.30 -25.36 5.77
C GLU B 128 -8.82 -25.44 5.81
N GLN B 129 -9.34 -26.63 6.17
CA GLN B 129 -10.80 -26.91 6.26
C GLN B 129 -11.70 -25.72 6.62
N ASP B 130 -11.52 -25.22 7.83
CA ASP B 130 -12.34 -24.13 8.31
C ASP B 130 -11.54 -22.88 8.58
N ALA B 131 -10.43 -22.74 7.84
CA ALA B 131 -9.58 -21.58 7.96
C ALA B 131 -10.40 -20.30 7.71
N VAL B 132 -11.27 -20.33 6.69
CA VAL B 132 -12.03 -19.13 6.38
C VAL B 132 -13.01 -18.86 7.51
N HIS B 133 -13.63 -19.91 8.02
CA HIS B 133 -14.58 -19.81 9.13
C HIS B 133 -13.89 -19.21 10.35
N LEU B 134 -12.69 -19.66 10.63
CA LEU B 134 -11.96 -19.13 11.77
C LEU B 134 -11.45 -17.71 11.57
N CYS B 135 -10.87 -17.44 10.40
CA CYS B 135 -10.28 -16.15 10.11
C CYS B 135 -11.28 -15.02 9.87
N GLY B 136 -12.23 -15.23 8.97
CA GLY B 136 -13.26 -14.23 8.75
C GLY B 136 -14.12 -14.19 10.00
N GLY B 137 -14.20 -15.31 10.72
CA GLY B 137 -14.96 -15.32 11.95
C GLY B 137 -14.39 -14.32 12.95
N GLN B 138 -13.06 -14.32 13.10
CA GLN B 138 -12.39 -13.40 14.02
C GLN B 138 -12.56 -11.97 13.50
N ILE B 139 -12.42 -11.78 12.20
CA ILE B 139 -12.61 -10.43 11.71
C ILE B 139 -14.02 -9.91 12.09
N ARG B 140 -15.06 -10.68 11.82
CA ARG B 140 -16.41 -10.23 12.11
C ARG B 140 -16.68 -10.06 13.61
N THR B 141 -16.02 -10.84 14.44
CA THR B 141 -16.19 -10.72 15.88
C THR B 141 -15.83 -9.28 16.32
N LYS B 142 -14.71 -8.76 15.80
CA LYS B 142 -14.24 -7.41 16.16
C LYS B 142 -14.92 -6.30 15.36
N ARG B 143 -15.44 -6.65 14.18
CA ARG B 143 -16.12 -5.72 13.30
C ARG B 143 -17.52 -5.36 13.83
N SER B 144 -18.22 -6.34 14.41
CA SER B 144 -19.57 -6.18 14.96
C SER B 144 -19.72 -6.76 16.39
N ARG B 145 -19.60 -5.92 17.42
CA ARG B 145 -19.70 -6.40 18.80
C ARG B 145 -21.09 -6.98 19.09
N ALA B 146 -21.11 -8.10 19.81
CA ALA B 146 -22.36 -8.79 20.14
C ALA B 146 -23.27 -8.02 21.09
N THR B 147 -24.59 -8.14 20.89
CA THR B 147 -25.53 -7.43 21.74
C THR B 147 -26.54 -8.31 22.49
N ASN B 148 -26.42 -9.62 22.33
CA ASN B 148 -27.28 -10.56 23.06
C ASN B 148 -26.58 -11.93 23.15
N LEU B 149 -27.10 -12.81 23.98
CA LEU B 149 -26.48 -14.09 24.13
C LEU B 149 -26.30 -14.83 22.81
N ARG B 150 -27.33 -14.83 21.97
CA ARG B 150 -27.24 -15.52 20.67
C ARG B 150 -26.03 -15.03 19.85
N GLU B 151 -25.84 -13.71 19.80
CA GLU B 151 -24.74 -13.14 19.04
C GLU B 151 -23.39 -13.41 19.68
N TRP B 152 -23.34 -13.39 21.00
CA TRP B 152 -22.10 -13.65 21.72
C TRP B 152 -21.67 -15.09 21.41
N ARG B 153 -22.61 -16.01 21.54
CA ARG B 153 -22.36 -17.42 21.27
C ARG B 153 -21.89 -17.70 19.86
N ALA B 154 -22.48 -17.01 18.88
CA ALA B 154 -22.09 -17.22 17.48
C ALA B 154 -20.64 -16.80 17.24
N HIS B 155 -20.24 -15.64 17.79
CA HIS B 155 -18.86 -15.17 17.64
C HIS B 155 -17.94 -16.13 18.40
N ALA B 156 -18.32 -16.47 19.63
CA ALA B 156 -17.53 -17.36 20.47
C ALA B 156 -17.29 -18.72 19.81
N SER B 157 -18.20 -19.14 18.93
CA SER B 157 -18.05 -20.44 18.30
C SER B 157 -16.97 -20.46 17.27
N THR B 158 -16.50 -19.30 16.84
CA THR B 158 -15.42 -19.36 15.86
C THR B 158 -14.04 -19.18 16.54
N TYR B 159 -13.83 -18.06 17.22
CA TYR B 159 -12.51 -17.87 17.84
C TYR B 159 -12.27 -18.73 19.08
N GLY B 160 -13.30 -19.40 19.58
CA GLY B 160 -13.11 -20.25 20.72
C GLY B 160 -13.26 -21.70 20.31
N SER B 161 -14.48 -22.08 19.95
CA SER B 161 -14.75 -23.45 19.59
C SER B 161 -14.04 -23.98 18.37
N THR B 162 -14.18 -23.27 17.26
CA THR B 162 -13.53 -23.72 16.02
C THR B 162 -12.02 -23.75 16.26
N PHE B 163 -11.54 -22.70 16.94
CA PHE B 163 -10.12 -22.58 17.24
C PHE B 163 -9.53 -23.80 17.96
N LEU B 164 -10.14 -24.20 19.06
CA LEU B 164 -9.65 -25.34 19.78
C LEU B 164 -10.08 -26.65 19.09
N GLY B 165 -11.20 -26.61 18.38
CA GLY B 165 -11.65 -27.81 17.68
C GLY B 165 -10.60 -28.33 16.71
N ARG B 166 -9.94 -27.41 16.01
CA ARG B 166 -8.89 -27.77 15.06
C ARG B 166 -7.75 -28.52 15.77
N TYR B 167 -7.36 -28.05 16.96
CA TYR B 167 -6.29 -28.74 17.70
C TYR B 167 -6.84 -30.09 18.21
N GLY B 168 -8.14 -30.16 18.46
CA GLY B 168 -8.71 -31.45 18.84
C GLY B 168 -8.51 -32.39 17.64
N ALA B 169 -8.91 -31.95 16.45
CA ALA B 169 -8.73 -32.78 15.26
C ALA B 169 -7.25 -33.19 15.07
N LEU B 170 -6.32 -32.27 15.34
CA LEU B 170 -4.89 -32.57 15.14
C LEU B 170 -4.39 -33.59 16.17
N ALA B 171 -4.82 -33.44 17.42
CA ALA B 171 -4.45 -34.41 18.46
C ALA B 171 -4.87 -35.82 17.98
N ALA B 172 -6.09 -35.94 17.45
CA ALA B 172 -6.57 -37.23 16.96
C ALA B 172 -5.75 -37.69 15.77
N ALA B 173 -5.44 -36.78 14.85
CA ALA B 173 -4.68 -37.13 13.66
C ALA B 173 -3.28 -37.57 13.96
N CYS B 174 -2.69 -37.04 15.03
CA CYS B 174 -1.30 -37.35 15.37
C CYS B 174 -1.17 -38.30 16.53
N GLY B 175 -2.29 -38.70 17.10
CA GLY B 175 -2.22 -39.59 18.25
C GLY B 175 -2.34 -41.08 17.99
N GLY B 176 -1.84 -41.55 16.86
CA GLY B 176 -1.92 -42.96 16.58
C GLY B 176 -3.32 -43.54 16.66
N GLU B 177 -3.38 -44.83 16.91
CA GLU B 177 -4.65 -45.57 16.96
C GLU B 177 -5.51 -45.45 18.23
N GLY B 178 -6.82 -45.65 18.04
CA GLY B 178 -7.75 -45.57 19.15
C GLY B 178 -8.24 -44.17 19.40
N GLN B 179 -8.14 -43.31 18.40
CA GLN B 179 -8.57 -41.93 18.57
C GLN B 179 -9.95 -41.73 17.97
N PRO B 180 -10.96 -41.33 18.78
CA PRO B 180 -12.30 -41.12 18.23
C PRO B 180 -12.36 -39.68 17.73
N ALA B 181 -11.72 -39.44 16.58
CA ALA B 181 -11.63 -38.12 15.97
C ALA B 181 -12.78 -37.15 16.22
N ASP B 182 -14.01 -37.57 15.95
CA ASP B 182 -15.16 -36.68 16.15
C ASP B 182 -15.42 -36.29 17.61
N SER B 183 -15.14 -37.22 18.51
CA SER B 183 -15.38 -36.96 19.90
C SER B 183 -14.34 -36.06 20.50
N VAL B 184 -13.09 -36.28 20.12
CA VAL B 184 -12.03 -35.44 20.64
C VAL B 184 -12.36 -34.03 20.25
N ARG B 185 -12.80 -33.86 19.01
CA ARG B 185 -13.08 -32.51 18.59
C ARG B 185 -14.32 -31.92 19.23
N GLU B 186 -15.35 -32.72 19.44
CA GLU B 186 -16.56 -32.23 20.08
C GLU B 186 -16.20 -31.73 21.50
N PHE B 187 -15.34 -32.47 22.20
CA PHE B 187 -14.90 -32.07 23.54
C PHE B 187 -14.19 -30.72 23.47
N ALA B 188 -13.24 -30.64 22.55
CA ALA B 188 -12.50 -29.41 22.39
C ALA B 188 -13.41 -28.22 22.15
N GLU B 189 -14.39 -28.39 21.27
CA GLU B 189 -15.24 -27.25 20.96
C GLU B 189 -16.13 -26.87 22.12
N ALA B 190 -16.67 -27.85 22.84
CA ALA B 190 -17.53 -27.49 23.96
C ALA B 190 -16.71 -26.87 25.11
N PHE B 191 -15.59 -27.51 25.46
CA PHE B 191 -14.73 -27.03 26.53
C PHE B 191 -14.17 -25.64 26.14
N ALA B 192 -13.80 -25.45 24.88
CA ALA B 192 -13.29 -24.13 24.49
C ALA B 192 -14.33 -23.05 24.82
N MET B 193 -15.60 -23.35 24.63
CA MET B 193 -16.56 -22.32 24.90
C MET B 193 -16.74 -22.07 26.39
N THR B 194 -16.61 -23.10 27.21
CA THR B 194 -16.78 -22.91 28.64
C THR B 194 -15.64 -21.98 29.10
N ILE B 195 -14.43 -22.27 28.64
CA ILE B 195 -13.27 -21.47 28.99
C ILE B 195 -13.40 -20.01 28.47
N THR B 196 -13.96 -19.85 27.29
CA THR B 196 -14.15 -18.55 26.68
C THR B 196 -15.12 -17.71 27.49
N MET B 197 -16.16 -18.32 28.03
CA MET B 197 -17.09 -17.55 28.87
C MET B 197 -16.34 -17.10 30.14
N ALA B 198 -15.53 -18.00 30.68
CA ALA B 198 -14.76 -17.71 31.86
C ALA B 198 -13.84 -16.53 31.60
N ASP B 199 -13.11 -16.53 30.47
CA ASP B 199 -12.22 -15.41 30.16
C ASP B 199 -13.00 -14.11 30.13
N ASP B 200 -14.13 -14.07 29.44
CA ASP B 200 -14.96 -12.87 29.38
C ASP B 200 -15.38 -12.35 30.77
N LEU B 201 -15.86 -13.24 31.64
CA LEU B 201 -16.28 -12.83 32.96
C LEU B 201 -15.12 -12.44 33.86
N THR B 202 -13.89 -12.80 33.46
CA THR B 202 -12.69 -12.49 34.24
C THR B 202 -12.06 -11.22 33.72
N ASP B 203 -11.89 -11.17 32.40
CA ASP B 203 -11.27 -10.05 31.73
C ASP B 203 -12.07 -8.75 31.75
N TYR B 204 -13.33 -8.85 32.20
CA TYR B 204 -14.14 -7.65 32.33
C TYR B 204 -13.37 -6.74 33.30
N ASP B 205 -12.88 -7.32 34.41
CA ASP B 205 -12.12 -6.54 35.37
C ASP B 205 -10.59 -6.57 35.21
N ARG B 206 -10.05 -7.73 34.86
CA ARG B 206 -8.61 -7.84 34.69
C ARG B 206 -8.11 -6.93 33.55
N ASN B 207 -8.92 -6.76 32.50
CA ASN B 207 -8.58 -5.94 31.33
C ASN B 207 -9.40 -4.66 31.09
N GLY B 208 -10.52 -4.52 31.80
CA GLY B 208 -11.37 -3.36 31.59
C GLY B 208 -12.16 -3.48 30.29
N GLU B 209 -12.32 -4.72 29.79
CA GLU B 209 -13.05 -5.00 28.56
C GLU B 209 -14.56 -4.73 28.69
N ARG B 210 -15.15 -4.14 27.65
CA ARG B 210 -16.57 -3.83 27.70
C ARG B 210 -17.40 -4.21 26.45
N ASP B 211 -17.01 -3.72 25.28
CA ASP B 211 -17.75 -4.00 24.03
C ASP B 211 -17.75 -5.47 23.55
N GLY B 212 -18.94 -6.06 23.48
CA GLY B 212 -19.09 -7.45 23.06
C GLY B 212 -18.80 -8.45 24.16
N ASN B 213 -18.36 -7.94 25.31
CA ASN B 213 -18.00 -8.75 26.49
C ASN B 213 -19.25 -9.29 27.20
N LEU B 214 -19.25 -10.58 27.50
CA LEU B 214 -20.39 -11.23 28.15
C LEU B 214 -20.81 -10.68 29.52
N ALA B 215 -19.82 -10.33 30.34
CA ALA B 215 -20.06 -9.78 31.69
C ALA B 215 -20.72 -8.41 31.55
N HIS B 216 -20.23 -7.64 30.60
CA HIS B 216 -20.80 -6.33 30.34
C HIS B 216 -22.26 -6.52 29.85
N LEU B 217 -22.48 -7.42 28.89
CA LEU B 217 -23.84 -7.65 28.40
C LEU B 217 -24.74 -8.06 29.55
N MET B 218 -24.18 -8.81 30.50
CA MET B 218 -24.95 -9.27 31.65
C MET B 218 -25.28 -8.11 32.60
N ARG B 219 -24.27 -7.34 32.97
CA ARG B 219 -24.49 -6.21 33.87
C ARG B 219 -25.48 -5.21 33.23
N THR B 220 -25.31 -4.99 31.94
CA THR B 220 -26.13 -4.08 31.14
C THR B 220 -27.57 -4.54 31.04
N GLY B 221 -27.82 -5.80 31.36
CA GLY B 221 -29.16 -6.34 31.26
C GLY B 221 -29.45 -6.96 29.90
N ALA B 222 -28.53 -6.83 28.94
CA ALA B 222 -28.72 -7.38 27.61
C ALA B 222 -28.76 -8.92 27.54
N VAL B 223 -28.31 -9.58 28.61
CA VAL B 223 -28.30 -11.04 28.68
C VAL B 223 -28.74 -11.49 30.07
N ALA B 224 -29.54 -12.55 30.16
CA ALA B 224 -30.06 -13.02 31.46
C ALA B 224 -29.28 -14.13 32.13
N GLY B 225 -29.02 -13.96 33.42
CA GLY B 225 -28.25 -14.93 34.16
C GLY B 225 -28.63 -16.37 33.89
N GLN B 226 -29.92 -16.67 33.97
CA GLN B 226 -30.38 -18.03 33.78
C GLN B 226 -30.02 -18.56 32.41
N ASP B 227 -29.97 -17.71 31.39
CA ASP B 227 -29.61 -18.18 30.06
C ASP B 227 -28.12 -18.57 30.04
N VAL B 228 -27.29 -17.83 30.79
CA VAL B 228 -25.86 -18.11 30.87
C VAL B 228 -25.63 -19.45 31.55
N VAL B 229 -26.41 -19.71 32.60
CA VAL B 229 -26.36 -20.98 33.33
C VAL B 229 -26.75 -22.16 32.44
N ASP B 230 -27.83 -21.96 31.66
CA ASP B 230 -28.30 -23.02 30.76
C ASP B 230 -27.22 -23.35 29.73
N LEU B 231 -26.60 -22.32 29.15
CA LEU B 231 -25.54 -22.53 28.17
C LEU B 231 -24.37 -23.33 28.76
N LEU B 232 -23.93 -22.93 29.96
CA LEU B 232 -22.84 -23.62 30.66
C LEU B 232 -23.23 -25.08 30.91
N GLU B 233 -24.48 -25.29 31.27
CA GLU B 233 -24.96 -26.67 31.51
C GLU B 233 -25.01 -27.44 30.19
N GLU B 234 -25.40 -26.78 29.11
CA GLU B 234 -25.41 -27.44 27.81
C GLU B 234 -23.98 -27.83 27.43
N LEU B 235 -23.03 -26.92 27.66
CA LEU B 235 -21.62 -27.18 27.34
C LEU B 235 -20.97 -28.29 28.18
N ARG B 236 -21.32 -28.37 29.46
CA ARG B 236 -20.81 -29.40 30.37
C ARG B 236 -21.33 -30.75 29.82
N GLY B 237 -22.61 -30.76 29.50
CA GLY B 237 -23.24 -31.95 28.95
C GLY B 237 -22.57 -32.38 27.65
N ARG B 238 -22.34 -31.42 26.75
CA ARG B 238 -21.70 -31.77 25.46
C ARG B 238 -20.31 -32.40 25.71
N ALA B 239 -19.53 -31.74 26.55
CA ALA B 239 -18.19 -32.23 26.86
C ALA B 239 -18.23 -33.63 27.54
N LEU B 240 -19.12 -33.81 28.49
CA LEU B 240 -19.20 -35.11 29.15
C LEU B 240 -19.54 -36.21 28.13
N ALA B 241 -20.51 -35.93 27.25
CA ALA B 241 -20.88 -36.93 26.25
C ALA B 241 -19.69 -37.32 25.38
N ALA B 242 -18.93 -36.34 24.90
CA ALA B 242 -17.80 -36.63 24.02
C ALA B 242 -16.78 -37.51 24.71
N VAL B 243 -16.58 -37.24 25.97
CA VAL B 243 -15.59 -37.95 26.75
C VAL B 243 -16.03 -39.37 27.08
N ALA B 244 -17.35 -39.63 26.98
CA ALA B 244 -17.92 -40.95 27.28
C ALA B 244 -17.87 -41.90 26.07
N ALA B 245 -17.75 -41.35 24.87
CA ALA B 245 -17.66 -42.16 23.66
C ALA B 245 -16.45 -43.11 23.70
N PRO B 246 -16.65 -44.38 23.36
CA PRO B 246 -15.56 -45.37 23.37
C PRO B 246 -14.45 -45.01 22.39
N PRO B 247 -13.19 -45.26 22.74
CA PRO B 247 -12.65 -45.88 23.96
C PRO B 247 -12.80 -45.08 25.27
N GLY B 248 -13.22 -43.82 25.18
CA GLY B 248 -13.40 -43.05 26.41
C GLY B 248 -12.18 -42.40 27.04
N ALA B 249 -12.41 -41.24 27.64
CA ALA B 249 -11.34 -40.49 28.33
C ALA B 249 -11.93 -40.04 29.65
N PRO B 250 -12.27 -41.01 30.53
CA PRO B 250 -12.86 -40.74 31.84
C PRO B 250 -12.11 -39.71 32.67
N GLY B 251 -10.79 -39.70 32.52
CA GLY B 251 -9.97 -38.75 33.26
C GLY B 251 -10.37 -37.29 33.03
N LEU B 252 -11.01 -37.00 31.89
CA LEU B 252 -11.39 -35.63 31.62
C LEU B 252 -12.66 -35.18 32.36
N VAL B 253 -13.43 -36.14 32.85
CA VAL B 253 -14.69 -35.82 33.56
C VAL B 253 -14.53 -34.82 34.74
N PRO B 254 -13.60 -35.09 35.65
CA PRO B 254 -13.43 -34.15 36.77
C PRO B 254 -13.03 -32.78 36.21
N VAL B 255 -12.30 -32.80 35.09
CA VAL B 255 -11.84 -31.56 34.50
C VAL B 255 -12.97 -30.71 33.99
N VAL B 256 -13.91 -31.34 33.29
CA VAL B 256 -15.06 -30.65 32.74
C VAL B 256 -15.86 -30.00 33.87
N HIS B 257 -16.15 -30.76 34.93
CA HIS B 257 -16.91 -30.24 36.06
C HIS B 257 -16.18 -29.10 36.78
N LEU B 258 -14.87 -29.27 36.92
CA LEU B 258 -14.06 -28.26 37.57
C LEU B 258 -14.26 -26.90 36.88
N TYR B 259 -14.03 -26.85 35.58
CA TYR B 259 -14.16 -25.58 34.87
C TYR B 259 -15.57 -25.02 34.80
N THR B 260 -16.55 -25.88 34.63
CA THR B 260 -17.93 -25.39 34.56
C THR B 260 -18.36 -24.84 35.91
N ASP B 261 -18.18 -25.63 36.97
CA ASP B 261 -18.55 -25.21 38.32
C ASP B 261 -17.84 -23.91 38.74
N ASP B 262 -16.59 -23.73 38.31
CA ASP B 262 -15.90 -22.49 38.66
C ASP B 262 -16.62 -21.28 38.05
N VAL B 263 -17.07 -21.40 36.82
CA VAL B 263 -17.76 -20.26 36.25
C VAL B 263 -19.05 -20.01 37.02
N LEU B 264 -19.76 -21.09 37.34
CA LEU B 264 -21.04 -20.97 38.08
C LEU B 264 -20.88 -20.46 39.52
N VAL B 265 -19.91 -21.00 40.24
CA VAL B 265 -19.71 -20.63 41.63
C VAL B 265 -18.90 -19.36 41.88
N ARG B 266 -17.78 -19.20 41.19
CA ARG B 266 -16.92 -18.04 41.41
C ARG B 266 -17.17 -16.82 40.57
N LEU B 267 -17.23 -17.00 39.25
CA LEU B 267 -17.39 -15.89 38.31
C LEU B 267 -18.77 -15.28 38.09
N LEU B 268 -19.79 -16.12 37.88
CA LEU B 268 -21.13 -15.63 37.61
C LEU B 268 -21.64 -14.64 38.63
N PRO B 269 -21.63 -15.00 39.91
CA PRO B 269 -22.10 -14.09 40.96
C PRO B 269 -21.50 -12.69 40.91
N ARG B 270 -20.33 -12.54 40.32
CA ARG B 270 -19.73 -11.20 40.30
C ARG B 270 -20.49 -10.30 39.35
N HIS B 271 -21.31 -10.88 38.49
CA HIS B 271 -22.02 -10.06 37.54
C HIS B 271 -23.54 -10.08 37.69
N LEU B 272 -24.05 -10.80 38.68
CA LEU B 272 -25.48 -10.90 38.93
C LEU B 272 -25.79 -10.35 40.31
N GLY B 273 -24.86 -10.51 41.24
CA GLY B 273 -25.08 -10.01 42.58
C GLY B 273 -26.11 -10.77 43.41
N GLU B 274 -27.14 -10.05 43.88
CA GLU B 274 -28.22 -10.62 44.72
C GLU B 274 -28.97 -11.80 44.08
N ALA B 275 -28.43 -13.00 44.26
CA ALA B 275 -29.03 -14.23 43.74
C ALA B 275 -29.66 -14.11 42.35
N GLY B 276 -28.83 -13.92 41.33
CA GLY B 276 -29.34 -13.82 39.96
C GLY B 276 -29.61 -15.19 39.38
N ALA B 277 -29.97 -16.11 40.27
CA ALA B 277 -30.26 -17.49 39.90
C ALA B 277 -31.65 -17.66 39.30
N GLY B 278 -31.97 -16.89 38.26
CA GLY B 278 -33.29 -17.02 37.68
C GLY B 278 -34.41 -16.60 38.64
N ALA B 279 -35.44 -17.43 38.75
CA ALA B 279 -36.61 -17.10 39.57
C ALA B 279 -36.54 -17.28 41.10
N MET B 280 -37.04 -16.27 41.81
CA MET B 280 -37.10 -16.28 43.27
C MET B 280 -37.86 -17.53 43.75
N ALA B 281 -37.12 -18.48 44.33
CA ALA B 281 -37.71 -19.73 44.83
C ALA B 281 -38.81 -19.53 45.86
N THR B 282 -39.81 -20.42 45.86
CA THR B 282 -40.91 -20.31 46.82
C THR B 282 -41.31 -21.60 47.55
N VAL B 283 -42.23 -21.44 48.51
CA VAL B 283 -42.76 -22.54 49.31
C VAL B 283 -44.28 -22.57 49.19
N LYS B 284 -44.82 -23.64 48.62
CA LYS B 284 -46.26 -23.73 48.50
C LYS B 284 -46.82 -24.58 49.64
N PHE B 285 -47.92 -24.13 50.23
CA PHE B 285 -48.57 -24.84 51.32
C PHE B 285 -49.99 -24.35 51.54
N LYS B 286 -50.81 -25.17 52.19
CA LYS B 286 -52.18 -24.78 52.49
C LYS B 286 -52.21 -24.40 53.96
N TYR B 287 -52.74 -23.22 54.27
CA TYR B 287 -52.81 -22.74 55.65
C TYR B 287 -54.18 -22.19 55.97
N LYS B 288 -54.81 -22.75 57.00
CA LYS B 288 -56.14 -22.32 57.39
C LYS B 288 -57.09 -22.45 56.19
N GLY B 289 -56.91 -23.49 55.39
CA GLY B 289 -57.78 -23.76 54.25
C GLY B 289 -57.49 -23.05 52.94
N GLU B 290 -56.48 -22.20 52.93
CA GLU B 290 -56.12 -21.43 51.75
C GLU B 290 -54.87 -21.94 51.04
N GLU B 291 -54.72 -21.55 49.77
CA GLU B 291 -53.54 -21.90 48.99
C GLU B 291 -52.57 -20.76 49.30
N LYS B 292 -51.33 -21.09 49.61
CA LYS B 292 -50.38 -20.04 49.91
C LYS B 292 -49.05 -20.35 49.26
N GLU B 293 -48.26 -19.31 49.04
CA GLU B 293 -46.95 -19.46 48.43
C GLU B 293 -46.21 -18.26 48.97
N VAL B 294 -44.99 -18.48 49.43
CA VAL B 294 -44.19 -17.40 49.97
C VAL B 294 -42.80 -17.49 49.34
N ASP B 295 -42.10 -16.35 49.24
CA ASP B 295 -40.75 -16.35 48.66
C ASP B 295 -39.75 -16.62 49.78
N ILE B 296 -38.74 -17.41 49.48
CA ILE B 296 -37.72 -17.73 50.47
C ILE B 296 -37.20 -16.47 51.14
N SER B 297 -37.33 -15.36 50.43
CA SER B 297 -36.89 -14.06 50.93
C SER B 297 -37.73 -13.53 52.10
N LYS B 298 -38.97 -13.99 52.20
CA LYS B 298 -39.84 -13.56 53.29
C LYS B 298 -39.73 -14.43 54.57
N ILE B 299 -39.24 -15.65 54.41
CA ILE B 299 -39.09 -16.60 55.53
C ILE B 299 -38.12 -16.23 56.63
N LYS B 300 -38.67 -16.13 57.84
CA LYS B 300 -37.92 -15.80 59.05
C LYS B 300 -37.27 -17.02 59.72
N LYS B 301 -38.06 -17.80 60.47
CA LYS B 301 -37.55 -18.97 61.17
C LYS B 301 -37.99 -20.29 60.54
N VAL B 302 -37.21 -21.34 60.76
CA VAL B 302 -37.52 -22.66 60.20
C VAL B 302 -36.88 -23.83 60.96
N TRP B 303 -37.69 -24.83 61.29
CA TRP B 303 -37.20 -25.96 62.05
C TRP B 303 -37.88 -27.26 61.68
N ARG B 304 -37.23 -28.36 62.03
CA ARG B 304 -37.74 -29.68 61.71
C ARG B 304 -38.45 -30.39 62.86
N VAL B 305 -39.48 -31.15 62.52
CA VAL B 305 -40.26 -31.96 63.45
C VAL B 305 -40.55 -33.23 62.65
N GLY B 306 -39.71 -34.25 62.88
CA GLY B 306 -39.86 -35.50 62.15
C GLY B 306 -39.55 -35.21 60.69
N LYS B 307 -40.43 -35.63 59.78
CA LYS B 307 -40.21 -35.35 58.37
C LYS B 307 -40.88 -34.04 57.92
N MET B 308 -41.47 -33.30 58.86
CA MET B 308 -42.13 -32.01 58.57
C MET B 308 -41.20 -30.82 58.79
N ILE B 309 -41.43 -29.76 58.03
CA ILE B 309 -40.65 -28.55 58.14
C ILE B 309 -41.64 -27.46 58.56
N SER B 310 -41.40 -26.90 59.73
CA SER B 310 -42.27 -25.84 60.25
C SER B 310 -41.53 -24.52 60.15
N PHE B 311 -42.26 -23.43 59.92
CA PHE B 311 -41.61 -22.14 59.72
C PHE B 311 -42.56 -20.98 59.89
N THR B 312 -41.96 -19.80 60.00
CA THR B 312 -42.69 -18.56 60.12
C THR B 312 -42.17 -17.66 58.99
N TYR B 313 -42.78 -16.50 58.81
CA TYR B 313 -42.37 -15.56 57.76
C TYR B 313 -43.06 -14.21 57.92
N ASP B 314 -42.76 -13.28 57.01
CA ASP B 314 -43.37 -11.95 57.04
C ASP B 314 -44.50 -11.82 56.03
N GLU B 315 -45.68 -11.43 56.51
CA GLU B 315 -46.85 -11.25 55.64
C GLU B 315 -47.06 -9.81 55.14
N GLY B 316 -46.43 -8.84 55.80
CA GLY B 316 -46.58 -7.44 55.42
C GLY B 316 -46.75 -6.59 56.68
N GLY B 317 -45.75 -5.79 57.00
CA GLY B 317 -45.82 -4.98 58.20
C GLY B 317 -45.33 -5.83 59.37
N GLY B 318 -45.50 -5.37 60.59
CA GLY B 318 -45.07 -6.17 61.73
C GLY B 318 -45.88 -7.45 61.87
N LYS B 319 -46.45 -7.90 60.74
CA LYS B 319 -47.28 -9.11 60.67
C LYS B 319 -46.40 -10.36 60.45
N THR B 320 -46.79 -11.47 61.06
CA THR B 320 -46.02 -12.72 60.95
C THR B 320 -46.83 -13.93 60.52
N GLY B 321 -46.36 -14.61 59.47
CA GLY B 321 -47.04 -15.80 58.98
C GLY B 321 -46.61 -17.12 59.62
N ARG B 322 -47.35 -18.19 59.34
CA ARG B 322 -47.05 -19.51 59.91
C ARG B 322 -47.37 -20.59 58.89
N GLY B 323 -46.61 -21.69 58.95
CA GLY B 323 -46.86 -22.79 58.04
C GLY B 323 -45.97 -24.00 58.28
N ALA B 324 -46.37 -25.13 57.70
CA ALA B 324 -45.63 -26.37 57.83
C ALA B 324 -45.82 -27.23 56.58
N VAL B 325 -44.73 -27.75 56.05
CA VAL B 325 -44.83 -28.61 54.87
C VAL B 325 -43.96 -29.83 55.04
N SER B 326 -44.35 -30.91 54.36
CA SER B 326 -43.59 -32.15 54.35
C SER B 326 -42.22 -31.79 53.74
N GLU B 327 -41.14 -32.47 54.14
CA GLU B 327 -39.84 -32.12 53.56
C GLU B 327 -39.77 -32.47 52.07
N LYS B 328 -40.64 -33.37 51.64
CA LYS B 328 -40.73 -33.79 50.24
C LYS B 328 -41.23 -32.65 49.33
N ASP B 329 -41.88 -31.66 49.92
CA ASP B 329 -42.40 -30.51 49.19
C ASP B 329 -41.65 -29.24 49.58
N ALA B 330 -40.53 -29.40 50.27
CA ALA B 330 -39.76 -28.24 50.67
C ALA B 330 -38.66 -27.94 49.66
N PRO B 331 -38.67 -26.73 49.09
CA PRO B 331 -37.65 -26.34 48.11
C PRO B 331 -36.25 -26.37 48.73
N LYS B 332 -35.24 -26.62 47.90
CA LYS B 332 -33.84 -26.67 48.35
C LYS B 332 -33.47 -25.51 49.27
N GLU B 333 -33.83 -24.31 48.85
CA GLU B 333 -33.50 -23.10 49.61
C GLU B 333 -34.03 -23.15 51.04
N LEU B 334 -35.25 -23.65 51.20
CA LEU B 334 -35.83 -23.73 52.53
C LEU B 334 -35.07 -24.73 53.38
N LEU B 335 -34.81 -25.89 52.78
CA LEU B 335 -34.08 -26.93 53.48
C LEU B 335 -32.70 -26.42 53.92
N GLN B 336 -32.04 -25.62 53.08
CA GLN B 336 -30.73 -25.08 53.46
C GLN B 336 -30.85 -24.17 54.68
N MET B 337 -31.91 -23.36 54.70
CA MET B 337 -32.15 -22.46 55.81
C MET B 337 -32.24 -23.23 57.11
N LEU B 338 -32.57 -24.52 57.01
CA LEU B 338 -32.66 -25.40 58.20
C LEU B 338 -31.29 -25.57 58.81
N GLU B 339 -30.36 -26.10 58.01
CA GLU B 339 -28.98 -26.33 58.42
C GLU B 339 -28.34 -25.03 58.89
N LYS B 340 -28.64 -23.96 58.15
CA LYS B 340 -28.14 -22.62 58.45
C LYS B 340 -28.89 -21.98 59.63
N GLN B 341 -29.68 -22.78 60.35
CA GLN B 341 -30.45 -22.28 61.51
C GLN B 341 -30.50 -23.25 62.71
N ASP C 11 -9.30 -15.32 -30.39
CA ASP C 11 -8.04 -14.51 -30.40
C ASP C 11 -7.32 -14.45 -31.75
N ASP C 12 -7.80 -13.57 -32.61
CA ASP C 12 -7.19 -13.37 -33.92
C ASP C 12 -5.70 -13.07 -33.70
N ASP C 13 -4.89 -13.17 -34.74
CA ASP C 13 -3.48 -12.90 -34.57
C ASP C 13 -3.05 -11.51 -35.02
N LYS C 14 -3.80 -10.95 -35.97
CA LYS C 14 -3.50 -9.61 -36.49
C LYS C 14 -3.79 -8.62 -35.36
N MET C 15 -4.71 -9.02 -34.50
CA MET C 15 -5.11 -8.23 -33.36
C MET C 15 -4.07 -8.35 -32.24
N LEU C 16 -3.63 -9.56 -31.94
CA LEU C 16 -2.64 -9.73 -30.92
C LEU C 16 -1.35 -9.07 -31.37
N ALA C 17 -1.09 -9.06 -32.67
CA ALA C 17 0.12 -8.43 -33.16
C ALA C 17 0.02 -6.91 -32.94
N ALA C 18 -1.19 -6.37 -33.03
CA ALA C 18 -1.43 -4.94 -32.84
C ALA C 18 -1.20 -4.60 -31.35
N GLU C 19 -1.90 -5.33 -30.49
CA GLU C 19 -1.74 -5.14 -29.05
C GLU C 19 -0.25 -5.19 -28.66
N ALA C 20 0.48 -6.16 -29.21
CA ALA C 20 1.91 -6.35 -28.93
C ALA C 20 2.70 -5.16 -29.46
N ALA C 21 2.28 -4.67 -30.63
CA ALA C 21 2.93 -3.52 -31.24
C ALA C 21 2.74 -2.29 -30.35
N ASN C 22 1.51 -2.13 -29.84
CA ASN C 22 1.20 -0.99 -29.00
C ASN C 22 1.93 -1.10 -27.68
N ARG C 23 1.91 -2.30 -27.08
CA ARG C 23 2.59 -2.56 -25.83
C ARG C 23 4.03 -2.14 -25.97
N ASP C 24 4.68 -2.61 -27.03
CA ASP C 24 6.08 -2.26 -27.26
C ASP C 24 6.29 -0.75 -27.40
N HIS C 25 5.45 -0.04 -28.17
CA HIS C 25 5.57 1.42 -28.33
C HIS C 25 5.40 2.14 -26.97
N VAL C 26 4.41 1.75 -26.19
CA VAL C 26 4.15 2.35 -24.89
C VAL C 26 5.29 2.08 -23.89
N THR C 27 5.62 0.81 -23.70
CA THR C 27 6.67 0.46 -22.76
C THR C 27 8.02 1.08 -23.09
N ARG C 28 8.35 1.25 -24.35
CA ARG C 28 9.64 1.87 -24.64
C ARG C 28 9.65 3.35 -24.22
N CYS C 29 8.53 4.01 -24.48
CA CYS C 29 8.33 5.41 -24.13
C CYS C 29 8.43 5.56 -22.58
N VAL C 30 7.84 4.61 -21.85
CA VAL C 30 7.93 4.61 -20.41
C VAL C 30 9.41 4.44 -19.95
N ALA C 31 10.10 3.41 -20.42
CA ALA C 31 11.50 3.21 -20.05
C ALA C 31 12.34 4.47 -20.39
N GLN C 32 12.18 4.95 -21.62
CA GLN C 32 12.87 6.13 -22.09
C GLN C 32 12.72 7.35 -21.14
N THR C 33 11.54 7.55 -20.54
CA THR C 33 11.34 8.65 -19.61
C THR C 33 11.97 8.37 -18.25
N GLY C 34 12.42 7.15 -18.03
CA GLY C 34 13.03 6.80 -16.75
C GLY C 34 12.15 5.92 -15.84
N GLY C 35 11.12 5.35 -16.44
CA GLY C 35 10.21 4.52 -15.70
C GLY C 35 10.88 3.31 -15.09
N SER C 36 10.37 2.90 -13.93
CA SER C 36 10.90 1.76 -13.24
C SER C 36 10.39 0.46 -13.88
N PRO C 37 11.03 -0.66 -13.51
CA PRO C 37 10.62 -1.96 -14.03
C PRO C 37 9.16 -2.19 -13.64
N ASP C 38 8.80 -1.72 -12.45
CA ASP C 38 7.42 -1.87 -12.00
C ASP C 38 6.45 -1.11 -12.87
N LEU C 39 6.77 0.14 -13.19
CA LEU C 39 5.88 0.94 -14.01
C LEU C 39 5.81 0.32 -15.42
N VAL C 40 6.94 -0.14 -15.94
CA VAL C 40 6.90 -0.76 -17.25
C VAL C 40 5.99 -1.98 -17.23
N ALA C 41 6.12 -2.82 -16.21
CA ALA C 41 5.28 -4.00 -16.11
C ALA C 41 3.83 -3.58 -15.98
N HIS C 42 3.55 -2.59 -15.11
CA HIS C 42 2.16 -2.10 -14.92
C HIS C 42 1.62 -1.67 -16.29
N THR C 43 2.38 -0.86 -16.98
CA THR C 43 1.93 -0.39 -18.29
C THR C 43 1.69 -1.49 -19.31
N ALA C 44 2.58 -2.48 -19.35
CA ALA C 44 2.46 -3.58 -20.28
C ALA C 44 1.29 -4.48 -19.94
N ALA C 45 0.86 -4.43 -18.70
CA ALA C 45 -0.22 -5.31 -18.31
C ALA C 45 -1.59 -4.79 -18.69
N LEU C 46 -1.69 -3.55 -19.17
CA LEU C 46 -3.01 -3.01 -19.51
C LEU C 46 -3.51 -3.54 -20.88
N ARG C 47 -3.79 -4.85 -20.93
CA ARG C 47 -4.19 -5.52 -22.17
C ARG C 47 -5.28 -4.84 -22.98
N LEU C 48 -6.44 -4.67 -22.36
CA LEU C 48 -7.56 -4.06 -23.03
C LEU C 48 -7.24 -2.65 -23.51
N TYR C 49 -6.55 -1.88 -22.69
CA TYR C 49 -6.18 -0.52 -23.06
C TYR C 49 -5.29 -0.52 -24.29
N LEU C 50 -4.36 -1.47 -24.37
CA LEU C 50 -3.46 -1.55 -25.50
C LEU C 50 -4.12 -2.16 -26.71
N ARG C 51 -5.12 -2.99 -26.47
CA ARG C 51 -5.79 -3.65 -27.58
C ARG C 51 -6.89 -2.82 -28.24
N VAL C 52 -7.67 -2.11 -27.43
CA VAL C 52 -8.80 -1.40 -27.99
C VAL C 52 -8.52 -0.46 -29.20
N PRO C 53 -7.34 0.21 -29.25
CA PRO C 53 -7.10 1.08 -30.41
C PRO C 53 -7.19 0.29 -31.73
N HIS C 54 -6.87 -0.99 -31.68
CA HIS C 54 -6.97 -1.81 -32.89
C HIS C 54 -8.43 -1.84 -33.35
N PHE C 55 -9.36 -1.91 -32.41
CA PHE C 55 -10.76 -1.92 -32.79
C PHE C 55 -11.21 -0.58 -33.36
N LEU C 56 -10.78 0.51 -32.73
CA LEU C 56 -11.19 1.87 -33.14
C LEU C 56 -10.68 2.27 -34.52
N THR C 57 -9.56 1.67 -34.91
CA THR C 57 -8.95 1.95 -36.18
C THR C 57 -9.30 0.93 -37.27
N GLU C 58 -10.32 0.10 -37.04
CA GLU C 58 -10.75 -0.90 -38.03
C GLU C 58 -11.13 -0.29 -39.39
N TRP C 59 -11.59 0.95 -39.39
CA TRP C 59 -11.98 1.66 -40.61
C TRP C 59 -10.81 2.19 -41.43
N THR C 60 -9.62 2.25 -40.88
CA THR C 60 -8.48 2.78 -41.60
C THR C 60 -7.87 1.72 -42.53
N THR C 61 -7.88 2.00 -43.83
CA THR C 61 -7.41 1.04 -44.83
C THR C 61 -5.93 0.97 -45.11
N ASP C 62 -5.21 2.06 -44.92
CA ASP C 62 -3.80 1.97 -45.15
C ASP C 62 -3.14 1.37 -43.90
N PRO C 63 -2.48 0.21 -44.02
CA PRO C 63 -1.83 -0.46 -42.88
C PRO C 63 -0.86 0.38 -42.06
N ASP C 64 0.00 1.16 -42.72
CA ASP C 64 0.94 1.97 -41.94
C ASP C 64 0.25 3.06 -41.15
N ARG C 65 -0.69 3.76 -41.78
CA ARG C 65 -1.42 4.79 -41.07
C ARG C 65 -2.14 4.13 -39.89
N ARG C 66 -2.84 3.03 -40.14
CA ARG C 66 -3.54 2.34 -39.07
C ARG C 66 -2.62 1.97 -37.89
N ALA C 67 -1.44 1.44 -38.17
CA ALA C 67 -0.56 1.07 -37.09
C ALA C 67 -0.12 2.31 -36.34
N ALA C 68 0.08 3.42 -37.05
CA ALA C 68 0.52 4.64 -36.40
C ALA C 68 -0.58 5.25 -35.53
N VAL C 69 -1.81 5.26 -36.03
CA VAL C 69 -2.90 5.83 -35.26
C VAL C 69 -3.16 4.98 -34.03
N SER C 70 -3.12 3.67 -34.23
CA SER C 70 -3.37 2.71 -33.15
C SER C 70 -2.37 2.92 -31.98
N ARG C 71 -1.07 2.98 -32.24
CA ARG C 71 -0.14 3.15 -31.14
C ARG C 71 -0.17 4.54 -30.53
N ALA C 72 -0.57 5.55 -31.31
CA ALA C 72 -0.65 6.90 -30.80
C ALA C 72 -1.86 6.98 -29.86
N LEU C 73 -2.94 6.29 -30.22
CA LEU C 73 -4.10 6.29 -29.33
C LEU C 73 -3.76 5.54 -28.04
N ALA C 74 -2.95 4.50 -28.16
CA ALA C 74 -2.59 3.68 -27.03
C ALA C 74 -1.73 4.48 -26.05
N LEU C 75 -0.89 5.39 -26.54
CA LEU C 75 -0.07 6.22 -25.65
C LEU C 75 -0.99 7.05 -24.75
N ASP C 76 -1.96 7.74 -25.35
CA ASP C 76 -2.83 8.58 -24.55
C ASP C 76 -3.80 7.82 -23.65
N ILE C 77 -4.39 6.73 -24.13
CA ILE C 77 -5.31 5.97 -23.32
C ILE C 77 -4.53 5.44 -22.12
N VAL C 78 -3.34 4.89 -22.34
CA VAL C 78 -2.54 4.42 -21.21
C VAL C 78 -2.19 5.60 -20.29
N SER C 79 -1.95 6.77 -20.88
CA SER C 79 -1.61 7.95 -20.09
C SER C 79 -2.73 8.31 -19.13
N MET C 80 -3.97 8.23 -19.62
CA MET C 80 -5.14 8.58 -18.82
C MET C 80 -5.39 7.55 -17.74
N LYS C 81 -4.98 6.32 -18.02
CA LYS C 81 -5.09 5.24 -17.07
C LYS C 81 -4.10 5.55 -15.91
N LEU C 82 -2.91 6.02 -16.24
CA LEU C 82 -1.95 6.37 -15.20
C LEU C 82 -2.50 7.56 -14.40
N LEU C 83 -3.18 8.51 -15.05
CA LEU C 83 -3.76 9.64 -14.32
C LEU C 83 -4.81 9.12 -13.35
N ASP C 84 -5.64 8.18 -13.79
CA ASP C 84 -6.62 7.58 -12.91
C ASP C 84 -5.96 6.85 -11.73
N ASP C 85 -4.80 6.21 -11.95
CA ASP C 85 -4.09 5.50 -10.89
C ASP C 85 -3.60 6.47 -9.84
N LEU C 86 -3.20 7.64 -10.32
CA LEU C 86 -2.70 8.73 -9.50
C LEU C 86 -3.86 9.30 -8.65
N MET C 87 -5.09 9.23 -9.15
CA MET C 87 -6.25 9.70 -8.39
C MET C 87 -6.45 8.78 -7.18
N ASP C 88 -6.46 7.48 -7.46
CA ASP C 88 -6.71 6.50 -6.41
C ASP C 88 -5.52 6.31 -5.48
N ASP C 89 -4.30 6.46 -5.98
CA ASP C 89 -3.09 6.31 -5.16
C ASP C 89 -3.12 4.99 -4.39
N ASP C 90 -3.53 3.94 -5.07
CA ASP C 90 -3.60 2.61 -4.45
C ASP C 90 -2.78 1.57 -5.22
N THR C 91 -1.93 2.00 -6.15
CA THR C 91 -1.18 1.04 -6.94
C THR C 91 0.14 0.63 -6.36
N GLY C 92 0.63 1.37 -5.37
CA GLY C 92 1.91 1.05 -4.81
C GLY C 92 3.01 1.73 -5.62
N LEU C 93 2.71 2.18 -6.85
CA LEU C 93 3.74 2.84 -7.64
C LEU C 93 4.07 4.25 -7.12
N ASP C 94 5.33 4.64 -7.23
CA ASP C 94 5.78 5.96 -6.80
C ASP C 94 5.01 7.03 -7.61
N ARG C 95 4.34 7.93 -6.92
CA ARG C 95 3.54 8.99 -7.56
C ARG C 95 4.35 9.88 -8.48
N VAL C 96 5.63 10.09 -8.13
CA VAL C 96 6.45 10.93 -8.99
C VAL C 96 6.56 10.29 -10.42
N GLU C 97 6.93 9.00 -10.49
CA GLU C 97 7.02 8.24 -11.76
C GLU C 97 5.66 8.34 -12.46
N LEU C 98 4.60 7.98 -11.74
CA LEU C 98 3.26 7.98 -12.32
C LEU C 98 2.95 9.29 -13.01
N ALA C 99 3.13 10.39 -12.29
CA ALA C 99 2.81 11.70 -12.83
C ALA C 99 3.68 12.10 -14.00
N CYS C 100 4.99 11.91 -13.86
CA CYS C 100 5.90 12.31 -14.92
C CYS C 100 5.78 11.48 -16.18
N VAL C 101 5.54 10.20 -16.03
CA VAL C 101 5.37 9.34 -17.20
C VAL C 101 3.99 9.56 -17.81
N CYS C 102 2.99 9.83 -16.98
CA CYS C 102 1.63 10.10 -17.45
C CYS C 102 1.71 11.27 -18.42
N LEU C 103 2.39 12.35 -18.00
CA LEU C 103 2.52 13.51 -18.86
C LEU C 103 3.31 13.23 -20.15
N ARG C 104 4.48 12.58 -20.03
CA ARG C 104 5.31 12.27 -21.16
C ARG C 104 4.52 11.49 -22.24
N LEU C 105 3.81 10.43 -21.82
CA LEU C 105 3.03 9.63 -22.74
C LEU C 105 1.98 10.46 -23.48
N HIS C 106 1.25 11.28 -22.72
CA HIS C 106 0.22 12.14 -23.24
C HIS C 106 0.83 13.14 -24.23
N LEU C 107 1.91 13.80 -23.86
CA LEU C 107 2.50 14.78 -24.77
C LEU C 107 2.93 14.08 -26.06
N ARG C 108 3.47 12.86 -25.95
CA ARG C 108 3.87 12.15 -27.18
C ARG C 108 2.63 11.81 -28.01
N ALA C 109 1.58 11.35 -27.34
CA ALA C 109 0.34 11.06 -28.06
C ALA C 109 -0.16 12.28 -28.88
N LEU C 110 -0.14 13.48 -28.28
CA LEU C 110 -0.59 14.69 -28.99
C LEU C 110 0.22 14.91 -30.26
N HIS C 111 1.53 14.75 -30.13
CA HIS C 111 2.43 14.91 -31.26
C HIS C 111 2.11 13.86 -32.35
N GLU C 112 2.08 12.58 -31.98
CA GLU C 112 1.80 11.58 -32.98
C GLU C 112 0.44 11.76 -33.61
N LEU C 113 -0.59 12.01 -32.80
CA LEU C 113 -1.94 12.17 -33.35
C LEU C 113 -2.00 13.34 -34.31
N GLU C 114 -1.40 14.45 -33.93
CA GLU C 114 -1.46 15.65 -34.76
C GLU C 114 -0.65 15.53 -36.02
N SER C 115 0.34 14.65 -36.00
CA SER C 115 1.12 14.48 -37.20
C SER C 115 0.36 13.61 -38.22
N LEU C 116 -0.70 12.94 -37.78
CA LEU C 116 -1.50 12.07 -38.63
C LEU C 116 -2.84 12.65 -39.04
N ALA C 117 -3.36 13.57 -38.24
CA ALA C 117 -4.66 14.16 -38.56
C ALA C 117 -4.58 15.02 -39.81
N ARG C 118 -5.65 15.01 -40.58
CA ARG C 118 -5.70 15.82 -41.80
C ARG C 118 -5.58 17.26 -41.33
N ASP C 119 -6.34 17.58 -40.28
CA ASP C 119 -6.33 18.91 -39.66
C ASP C 119 -5.81 18.73 -38.23
N PRO C 120 -4.58 19.18 -37.94
CA PRO C 120 -4.06 19.00 -36.58
C PRO C 120 -5.02 19.53 -35.50
N LYS C 121 -5.62 20.69 -35.78
CA LYS C 121 -6.58 21.33 -34.88
C LYS C 121 -7.70 20.41 -34.44
N ALA C 122 -8.12 19.49 -35.31
CA ALA C 122 -9.18 18.56 -34.94
C ALA C 122 -8.88 17.84 -33.64
N VAL C 123 -7.60 17.54 -33.41
CA VAL C 123 -7.25 16.82 -32.21
C VAL C 123 -7.65 17.58 -30.94
N THR C 124 -7.26 18.85 -30.84
CA THR C 124 -7.60 19.63 -29.67
C THR C 124 -9.09 20.01 -29.68
N ASP C 125 -9.70 20.08 -30.87
CA ASP C 125 -11.14 20.36 -30.95
C ASP C 125 -11.83 19.19 -30.25
N ILE C 126 -11.45 17.98 -30.61
CA ILE C 126 -12.08 16.80 -30.04
C ILE C 126 -11.81 16.67 -28.53
N LEU C 127 -10.57 16.97 -28.14
CA LEU C 127 -10.19 16.87 -26.74
C LEU C 127 -10.92 17.87 -25.86
N GLU C 128 -11.15 19.07 -26.38
CA GLU C 128 -11.81 20.12 -25.64
C GLU C 128 -13.34 20.10 -25.64
N GLN C 129 -13.93 19.78 -26.80
CA GLN C 129 -15.39 19.80 -26.96
C GLN C 129 -16.18 19.21 -25.81
N ASP C 130 -15.74 18.10 -25.22
CA ASP C 130 -16.49 17.59 -24.07
C ASP C 130 -15.61 17.29 -22.87
N ALA C 131 -14.60 18.13 -22.71
CA ALA C 131 -13.67 18.02 -21.59
C ALA C 131 -14.41 18.20 -20.27
N VAL C 132 -15.27 19.22 -20.21
CA VAL C 132 -16.05 19.47 -19.00
C VAL C 132 -16.95 18.29 -18.70
N HIS C 133 -17.60 17.73 -19.72
CA HIS C 133 -18.48 16.60 -19.48
C HIS C 133 -17.67 15.41 -18.99
N LEU C 134 -16.50 15.17 -19.61
CA LEU C 134 -15.66 14.06 -19.17
C LEU C 134 -15.01 14.27 -17.77
N CYS C 135 -14.37 15.42 -17.57
CA CYS C 135 -13.68 15.70 -16.32
C CYS C 135 -14.65 15.90 -15.19
N GLY C 136 -15.69 16.68 -15.44
CA GLY C 136 -16.70 16.92 -14.43
C GLY C 136 -17.41 15.61 -14.13
N GLY C 137 -17.64 14.80 -15.16
CA GLY C 137 -18.29 13.51 -14.96
C GLY C 137 -17.47 12.48 -14.20
N GLN C 138 -16.15 12.50 -14.34
CA GLN C 138 -15.28 11.56 -13.62
C GLN C 138 -15.38 11.86 -12.13
N ILE C 139 -15.33 13.15 -11.78
CA ILE C 139 -15.43 13.57 -10.39
C ILE C 139 -16.72 12.94 -9.85
N ARG C 140 -17.85 13.28 -10.45
CA ARG C 140 -19.15 12.73 -10.03
C ARG C 140 -19.20 11.20 -9.96
N THR C 141 -18.77 10.50 -10.99
CA THR C 141 -18.84 9.05 -10.92
C THR C 141 -17.91 8.43 -9.89
N LYS C 142 -16.81 9.11 -9.56
CA LYS C 142 -15.91 8.57 -8.55
C LYS C 142 -16.34 8.96 -7.15
N ARG C 143 -17.25 9.91 -7.02
CA ARG C 143 -17.68 10.37 -5.71
C ARG C 143 -19.13 10.10 -5.30
N SER C 144 -19.80 9.22 -6.06
CA SER C 144 -21.19 8.81 -5.78
C SER C 144 -21.32 7.33 -6.17
N ARG C 145 -22.33 6.63 -5.66
CA ARG C 145 -22.49 5.21 -6.01
C ARG C 145 -23.84 5.02 -6.68
N ALA C 146 -23.92 4.06 -7.59
CA ALA C 146 -25.18 3.74 -8.29
C ALA C 146 -26.00 2.81 -7.39
N THR C 147 -27.30 3.09 -7.28
CA THR C 147 -28.19 2.28 -6.45
C THR C 147 -29.16 1.44 -7.26
N ASN C 148 -29.24 1.71 -8.57
CA ASN C 148 -30.08 0.95 -9.48
C ASN C 148 -29.48 0.96 -10.88
N LEU C 149 -30.19 0.40 -11.86
CA LEU C 149 -29.65 0.34 -13.20
C LEU C 149 -29.53 1.67 -13.92
N ARG C 150 -30.54 2.54 -13.80
CA ARG C 150 -30.51 3.84 -14.45
C ARG C 150 -29.26 4.62 -14.07
N GLU C 151 -28.95 4.64 -12.78
CA GLU C 151 -27.78 5.35 -12.31
C GLU C 151 -26.52 4.63 -12.73
N TRP C 152 -26.53 3.30 -12.65
CA TRP C 152 -25.35 2.52 -13.02
C TRP C 152 -25.01 2.84 -14.46
N ARG C 153 -26.05 2.95 -15.28
CA ARG C 153 -25.88 3.26 -16.68
C ARG C 153 -25.43 4.70 -16.87
N ALA C 154 -26.00 5.60 -16.09
CA ALA C 154 -25.64 7.00 -16.21
C ALA C 154 -24.15 7.18 -15.90
N HIS C 155 -23.66 6.49 -14.88
CA HIS C 155 -22.26 6.58 -14.53
C HIS C 155 -21.38 5.95 -15.60
N ALA C 156 -21.67 4.71 -15.98
CA ALA C 156 -20.88 4.02 -17.01
C ALA C 156 -20.86 4.82 -18.30
N SER C 157 -21.98 5.47 -18.57
CA SER C 157 -22.13 6.29 -19.76
C SER C 157 -21.20 7.50 -19.75
N THR C 158 -21.26 8.27 -18.66
CA THR C 158 -20.46 9.47 -18.56
C THR C 158 -18.96 9.24 -18.35
N TYR C 159 -18.52 8.13 -17.76
CA TYR C 159 -17.07 7.95 -17.69
C TYR C 159 -16.67 7.10 -18.86
N GLY C 160 -16.87 5.78 -18.75
CA GLY C 160 -16.50 4.85 -19.81
C GLY C 160 -16.82 5.19 -21.25
N SER C 161 -18.08 5.43 -21.57
CA SER C 161 -18.48 5.70 -22.94
C SER C 161 -17.97 7.01 -23.52
N THR C 162 -18.00 8.06 -22.69
CA THR C 162 -17.51 9.38 -23.11
C THR C 162 -16.01 9.29 -23.36
N PHE C 163 -15.36 8.52 -22.51
CA PHE C 163 -13.94 8.32 -22.59
C PHE C 163 -13.55 7.67 -23.91
N LEU C 164 -14.10 6.48 -24.18
CA LEU C 164 -13.75 5.77 -25.40
C LEU C 164 -14.31 6.48 -26.62
N GLY C 165 -15.41 7.21 -26.46
CA GLY C 165 -15.99 7.93 -27.57
C GLY C 165 -15.03 8.95 -28.17
N ARG C 166 -14.31 9.68 -27.31
CA ARG C 166 -13.37 10.67 -27.79
C ARG C 166 -12.28 10.01 -28.62
N TYR C 167 -11.78 8.85 -28.15
CA TYR C 167 -10.75 8.17 -28.91
C TYR C 167 -11.32 7.69 -30.23
N GLY C 168 -12.62 7.32 -30.24
CA GLY C 168 -13.27 6.89 -31.48
C GLY C 168 -13.19 8.06 -32.44
N ALA C 169 -13.63 9.23 -31.98
CA ALA C 169 -13.57 10.43 -32.84
C ALA C 169 -12.12 10.74 -33.27
N LEU C 170 -11.17 10.54 -32.36
CA LEU C 170 -9.78 10.82 -32.73
C LEU C 170 -9.30 9.83 -33.80
N ALA C 171 -9.76 8.57 -33.73
CA ALA C 171 -9.41 7.55 -34.73
C ALA C 171 -9.92 7.96 -36.13
N ALA C 172 -11.15 8.49 -36.20
CA ALA C 172 -11.71 8.95 -37.47
C ALA C 172 -10.92 10.13 -38.00
N ALA C 173 -10.69 11.13 -37.16
CA ALA C 173 -9.94 12.30 -37.61
C ALA C 173 -8.51 12.02 -38.05
N CYS C 174 -7.91 10.94 -37.57
CA CYS C 174 -6.52 10.66 -37.91
C CYS C 174 -6.37 9.54 -38.89
N GLY C 175 -7.47 8.83 -39.15
CA GLY C 175 -7.44 7.70 -40.06
C GLY C 175 -7.66 8.05 -41.52
N GLY C 176 -7.91 9.33 -41.78
CA GLY C 176 -8.15 9.82 -43.14
C GLY C 176 -9.12 9.07 -44.05
N GLU C 177 -9.32 9.62 -45.26
CA GLU C 177 -10.19 9.04 -46.29
C GLU C 177 -11.61 8.66 -45.85
N GLY C 178 -12.43 9.69 -45.66
CA GLY C 178 -13.82 9.52 -45.25
C GLY C 178 -14.25 8.41 -44.31
N GLN C 179 -13.96 8.57 -43.01
CA GLN C 179 -14.40 7.57 -42.05
C GLN C 179 -15.71 8.11 -41.54
N PRO C 180 -16.66 7.22 -41.21
CA PRO C 180 -17.97 7.68 -40.72
C PRO C 180 -17.84 8.06 -39.23
N ALA C 181 -17.19 9.19 -38.97
CA ALA C 181 -16.94 9.69 -37.63
C ALA C 181 -17.99 9.35 -36.60
N ASP C 182 -19.24 9.71 -36.85
CA ASP C 182 -20.29 9.42 -35.89
C ASP C 182 -20.49 7.94 -35.62
N SER C 183 -20.23 7.10 -36.60
CA SER C 183 -20.40 5.69 -36.34
C SER C 183 -19.20 5.15 -35.62
N VAL C 184 -18.01 5.68 -35.91
CA VAL C 184 -16.81 5.22 -35.22
C VAL C 184 -16.95 5.58 -33.74
N ARG C 185 -17.56 6.73 -33.47
CA ARG C 185 -17.78 7.14 -32.11
C ARG C 185 -18.92 6.33 -31.45
N GLU C 186 -20.02 6.14 -32.18
CA GLU C 186 -21.15 5.34 -31.68
C GLU C 186 -20.67 3.94 -31.34
N PHE C 187 -19.78 3.39 -32.17
CA PHE C 187 -19.20 2.06 -31.90
C PHE C 187 -18.43 2.03 -30.58
N ALA C 188 -17.52 2.99 -30.41
CA ALA C 188 -16.71 3.07 -29.20
C ALA C 188 -17.57 3.25 -27.93
N GLU C 189 -18.55 4.15 -28.01
CA GLU C 189 -19.41 4.39 -26.85
C GLU C 189 -20.16 3.16 -26.44
N ALA C 190 -20.72 2.45 -27.41
CA ALA C 190 -21.46 1.25 -27.10
C ALA C 190 -20.50 0.18 -26.59
N PHE C 191 -19.41 -0.02 -27.30
CA PHE C 191 -18.48 -1.05 -26.88
C PHE C 191 -18.00 -0.83 -25.44
N ALA C 192 -17.67 0.43 -25.11
CA ALA C 192 -17.15 0.74 -23.80
C ALA C 192 -18.10 0.28 -22.70
N MET C 193 -19.38 0.47 -22.93
CA MET C 193 -20.32 0.06 -21.90
C MET C 193 -20.38 -1.47 -21.81
N THR C 194 -20.28 -2.18 -22.92
CA THR C 194 -20.30 -3.64 -22.81
C THR C 194 -19.13 -4.04 -21.91
N ILE C 195 -17.95 -3.50 -22.19
CA ILE C 195 -16.74 -3.79 -21.38
C ILE C 195 -16.92 -3.44 -19.88
N THR C 196 -17.54 -2.29 -19.62
CA THR C 196 -17.78 -1.87 -18.25
C THR C 196 -18.61 -2.95 -17.54
N MET C 197 -19.71 -3.34 -18.15
CA MET C 197 -20.56 -4.36 -17.56
C MET C 197 -19.74 -5.60 -17.24
N ALA C 198 -18.91 -6.02 -18.21
CA ALA C 198 -18.03 -7.18 -18.06
C ALA C 198 -17.13 -7.01 -16.82
N ASP C 199 -16.49 -5.84 -16.73
CA ASP C 199 -15.62 -5.49 -15.61
C ASP C 199 -16.31 -5.69 -14.26
N ASP C 200 -17.50 -5.10 -14.10
CA ASP C 200 -18.21 -5.25 -12.85
C ASP C 200 -18.54 -6.70 -12.51
N LEU C 201 -19.03 -7.47 -13.48
CA LEU C 201 -19.41 -8.84 -13.20
C LEU C 201 -18.17 -9.68 -12.81
N THR C 202 -17.03 -9.28 -13.35
CA THR C 202 -15.79 -9.97 -13.04
C THR C 202 -15.31 -9.58 -11.63
N ASP C 203 -15.06 -8.28 -11.46
CA ASP C 203 -14.56 -7.73 -10.22
C ASP C 203 -15.36 -8.09 -8.98
N TYR C 204 -16.63 -8.41 -9.13
CA TYR C 204 -17.40 -8.76 -7.95
C TYR C 204 -16.70 -9.93 -7.24
N ASP C 205 -16.27 -10.92 -8.00
CA ASP C 205 -15.59 -12.07 -7.39
C ASP C 205 -14.08 -11.84 -7.27
N ARG C 206 -13.47 -11.25 -8.29
CA ARG C 206 -12.03 -11.03 -8.27
C ARG C 206 -11.53 -10.11 -7.14
N ASN C 207 -12.30 -9.09 -6.80
CA ASN C 207 -11.97 -8.09 -5.80
C ASN C 207 -12.94 -7.96 -4.66
N GLY C 208 -14.02 -8.74 -4.68
CA GLY C 208 -15.01 -8.59 -3.64
C GLY C 208 -15.71 -7.24 -3.72
N GLU C 209 -15.75 -6.62 -4.90
CA GLU C 209 -16.39 -5.31 -5.06
C GLU C 209 -17.88 -5.39 -4.76
N ARG C 210 -18.41 -4.39 -4.07
CA ARG C 210 -19.83 -4.41 -3.72
C ARG C 210 -20.63 -3.14 -4.00
N ASP C 211 -20.27 -2.03 -3.34
CA ASP C 211 -20.98 -0.76 -3.48
C ASP C 211 -21.04 -0.22 -4.91
N GLY C 212 -22.26 -0.17 -5.46
CA GLY C 212 -22.41 0.33 -6.82
C GLY C 212 -22.04 -0.66 -7.92
N ASN C 213 -21.56 -1.84 -7.56
CA ASN C 213 -21.17 -2.87 -8.53
C ASN C 213 -22.41 -3.57 -9.13
N LEU C 214 -22.43 -3.68 -10.46
CA LEU C 214 -23.57 -4.26 -11.14
C LEU C 214 -24.00 -5.65 -10.64
N ALA C 215 -23.05 -6.54 -10.38
CA ALA C 215 -23.37 -7.89 -9.89
C ALA C 215 -23.99 -7.80 -8.50
N HIS C 216 -23.45 -6.89 -7.70
CA HIS C 216 -23.96 -6.71 -6.36
C HIS C 216 -25.40 -6.16 -6.44
N LEU C 217 -25.65 -5.15 -7.27
CA LEU C 217 -26.99 -4.59 -7.40
C LEU C 217 -28.01 -5.67 -7.85
N MET C 218 -27.55 -6.60 -8.67
CA MET C 218 -28.42 -7.67 -9.14
C MET C 218 -28.76 -8.56 -7.94
N ARG C 219 -27.72 -9.02 -7.26
CA ARG C 219 -27.91 -9.90 -6.12
C ARG C 219 -28.77 -9.32 -5.01
N THR C 220 -28.75 -8.02 -4.83
CA THR C 220 -29.57 -7.43 -3.78
C THR C 220 -30.98 -7.22 -4.31
N GLY C 221 -31.17 -7.41 -5.61
CA GLY C 221 -32.50 -7.21 -6.17
C GLY C 221 -32.80 -5.78 -6.57
N ALA C 222 -31.79 -4.93 -6.58
CA ALA C 222 -31.97 -3.52 -6.96
C ALA C 222 -32.00 -3.43 -8.48
N VAL C 223 -31.35 -4.38 -9.14
CA VAL C 223 -31.30 -4.44 -10.60
C VAL C 223 -31.84 -5.81 -10.97
N ALA C 224 -32.77 -5.85 -11.94
CA ALA C 224 -33.36 -7.11 -12.36
C ALA C 224 -32.53 -7.77 -13.42
N GLY C 225 -32.28 -9.06 -13.25
CA GLY C 225 -31.49 -9.81 -14.22
C GLY C 225 -31.86 -9.59 -15.68
N GLN C 226 -33.14 -9.41 -15.97
CA GLN C 226 -33.54 -9.22 -17.35
C GLN C 226 -33.20 -7.85 -17.93
N ASP C 227 -33.28 -6.80 -17.11
CA ASP C 227 -32.92 -5.47 -17.59
C ASP C 227 -31.47 -5.55 -18.10
N VAL C 228 -30.64 -6.26 -17.34
CA VAL C 228 -29.25 -6.40 -17.70
C VAL C 228 -29.07 -7.13 -19.01
N VAL C 229 -29.79 -8.22 -19.22
CA VAL C 229 -29.65 -8.92 -20.49
C VAL C 229 -30.12 -7.97 -21.62
N ASP C 230 -31.23 -7.27 -21.41
CA ASP C 230 -31.75 -6.35 -22.43
C ASP C 230 -30.69 -5.29 -22.80
N LEU C 231 -30.03 -4.71 -21.77
CA LEU C 231 -29.00 -3.69 -21.97
C LEU C 231 -27.89 -4.30 -22.80
N LEU C 232 -27.50 -5.52 -22.49
CA LEU C 232 -26.45 -6.15 -23.28
C LEU C 232 -26.82 -6.23 -24.75
N GLU C 233 -27.99 -6.77 -25.06
CA GLU C 233 -28.37 -6.89 -26.47
C GLU C 233 -28.55 -5.48 -27.05
N GLU C 234 -29.08 -4.53 -26.27
CA GLU C 234 -29.21 -3.16 -26.77
C GLU C 234 -27.82 -2.58 -27.14
N LEU C 235 -26.83 -2.87 -26.29
CA LEU C 235 -25.49 -2.38 -26.57
C LEU C 235 -24.96 -3.09 -27.77
N ARG C 236 -25.26 -4.39 -27.89
CA ARG C 236 -24.78 -5.16 -29.05
C ARG C 236 -25.38 -4.57 -30.32
N GLY C 237 -26.68 -4.29 -30.31
CA GLY C 237 -27.28 -3.71 -31.50
C GLY C 237 -26.68 -2.37 -31.91
N ARG C 238 -26.42 -1.50 -30.93
CA ARG C 238 -25.83 -0.19 -31.25
C ARG C 238 -24.49 -0.41 -31.91
N ALA C 239 -23.67 -1.27 -31.35
CA ALA C 239 -22.36 -1.53 -31.94
C ALA C 239 -22.49 -2.08 -33.36
N LEU C 240 -23.31 -3.13 -33.52
CA LEU C 240 -23.51 -3.75 -34.83
C LEU C 240 -23.98 -2.71 -35.83
N ALA C 241 -24.98 -1.92 -35.45
CA ALA C 241 -25.45 -0.87 -36.37
C ALA C 241 -24.33 0.10 -36.78
N ALA C 242 -23.52 0.53 -35.83
CA ALA C 242 -22.48 1.48 -36.16
C ALA C 242 -21.44 0.93 -37.10
N VAL C 243 -20.98 -0.29 -36.87
CA VAL C 243 -19.98 -0.88 -37.77
C VAL C 243 -20.60 -1.24 -39.13
N ALA C 244 -21.94 -1.15 -39.22
CA ALA C 244 -22.68 -1.45 -40.46
C ALA C 244 -22.72 -0.23 -41.38
N ALA C 245 -22.94 0.95 -40.80
CA ALA C 245 -22.99 2.23 -41.52
C ALA C 245 -21.86 2.33 -42.54
N PRO C 246 -22.15 2.83 -43.75
CA PRO C 246 -21.20 3.00 -44.85
C PRO C 246 -20.02 3.90 -44.49
N PRO C 247 -18.80 3.53 -44.91
CA PRO C 247 -18.33 2.38 -45.68
C PRO C 247 -18.47 1.03 -45.00
N GLY C 248 -18.59 1.04 -43.67
CA GLY C 248 -18.71 -0.22 -42.94
C GLY C 248 -17.38 -0.77 -42.50
N ALA C 249 -17.41 -1.50 -41.38
CA ALA C 249 -16.24 -2.12 -40.75
C ALA C 249 -16.68 -3.51 -40.29
N PRO C 250 -16.91 -4.42 -41.26
CA PRO C 250 -17.35 -5.80 -41.02
C PRO C 250 -16.39 -6.56 -40.14
N GLY C 251 -15.12 -6.14 -40.16
CA GLY C 251 -14.15 -6.81 -39.32
C GLY C 251 -14.53 -6.80 -37.83
N LEU C 252 -15.30 -5.79 -37.42
CA LEU C 252 -15.71 -5.64 -36.04
C LEU C 252 -16.89 -6.47 -35.59
N VAL C 253 -17.61 -7.09 -36.53
CA VAL C 253 -18.81 -7.86 -36.17
C VAL C 253 -18.51 -9.00 -35.22
N PRO C 254 -17.51 -9.84 -35.54
CA PRO C 254 -17.16 -10.97 -34.66
C PRO C 254 -16.57 -10.50 -33.32
N VAL C 255 -15.90 -9.33 -33.35
CA VAL C 255 -15.33 -8.75 -32.14
C VAL C 255 -16.48 -8.37 -31.20
N VAL C 256 -17.49 -7.69 -31.76
CA VAL C 256 -18.63 -7.30 -30.95
C VAL C 256 -19.30 -8.55 -30.39
N HIS C 257 -19.42 -9.60 -31.21
CA HIS C 257 -20.04 -10.82 -30.70
C HIS C 257 -19.15 -11.51 -29.70
N LEU C 258 -17.85 -11.50 -29.93
CA LEU C 258 -16.96 -12.15 -28.96
C LEU C 258 -17.11 -11.59 -27.53
N TYR C 259 -17.02 -10.27 -27.40
CA TYR C 259 -17.14 -9.67 -26.08
C TYR C 259 -18.51 -9.78 -25.47
N THR C 260 -19.56 -9.59 -26.29
CA THR C 260 -20.91 -9.70 -25.75
C THR C 260 -21.22 -11.15 -25.32
N ASP C 261 -20.76 -12.12 -26.09
CA ASP C 261 -21.03 -13.50 -25.76
C ASP C 261 -20.34 -13.92 -24.51
N ASP C 262 -19.17 -13.35 -24.32
CA ASP C 262 -18.38 -13.67 -23.13
C ASP C 262 -19.14 -13.26 -21.87
N VAL C 263 -19.76 -12.07 -21.88
CA VAL C 263 -20.54 -11.61 -20.73
C VAL C 263 -21.75 -12.53 -20.61
N LEU C 264 -22.38 -12.80 -21.75
CA LEU C 264 -23.56 -13.66 -21.75
C LEU C 264 -23.34 -15.08 -21.23
N VAL C 265 -22.31 -15.74 -21.76
CA VAL C 265 -22.07 -17.13 -21.40
C VAL C 265 -21.23 -17.36 -20.16
N ARG C 266 -20.16 -16.59 -19.99
CA ARG C 266 -19.30 -16.79 -18.82
C ARG C 266 -19.55 -15.92 -17.60
N LEU C 267 -19.76 -14.63 -17.82
CA LEU C 267 -19.96 -13.75 -16.70
C LEU C 267 -21.35 -13.57 -16.09
N LEU C 268 -22.38 -13.37 -16.91
CA LEU C 268 -23.70 -13.13 -16.35
C LEU C 268 -24.36 -14.27 -15.57
N PRO C 269 -24.24 -15.54 -16.05
CA PRO C 269 -24.85 -16.70 -15.39
C PRO C 269 -24.54 -16.77 -13.89
N ARG C 270 -23.27 -16.50 -13.53
CA ARG C 270 -22.83 -16.50 -12.13
C ARG C 270 -23.73 -15.65 -11.24
N HIS C 271 -24.43 -14.67 -11.81
CA HIS C 271 -25.24 -13.78 -10.99
C HIS C 271 -26.73 -13.76 -11.24
N LEU C 272 -27.21 -14.67 -12.08
CA LEU C 272 -28.64 -14.73 -12.39
C LEU C 272 -29.35 -15.77 -11.53
N ASP D 11 1.60 50.85 -15.08
CA ASP D 11 2.43 49.76 -15.68
C ASP D 11 2.60 48.56 -14.74
N ASP D 12 2.59 48.86 -13.46
CA ASP D 12 2.66 47.82 -12.44
C ASP D 12 1.21 47.44 -12.35
N ASP D 13 0.38 48.36 -12.84
CA ASP D 13 -1.04 48.21 -12.91
C ASP D 13 -1.32 47.24 -14.05
N LYS D 14 -0.65 47.47 -15.17
CA LYS D 14 -0.84 46.62 -16.33
C LYS D 14 -0.60 45.16 -15.93
N MET D 15 0.41 44.98 -15.11
CA MET D 15 0.81 43.68 -14.65
C MET D 15 -0.27 43.10 -13.74
N LEU D 16 -0.68 43.86 -12.74
CA LEU D 16 -1.70 43.36 -11.84
C LEU D 16 -3.01 43.13 -12.54
N ALA D 17 -3.29 43.89 -13.59
CA ALA D 17 -4.54 43.67 -14.29
C ALA D 17 -4.45 42.32 -15.03
N ALA D 18 -3.28 42.03 -15.63
CA ALA D 18 -3.10 40.77 -16.36
C ALA D 18 -3.19 39.60 -15.38
N GLU D 19 -2.50 39.72 -14.25
CA GLU D 19 -2.55 38.67 -13.26
C GLU D 19 -4.02 38.39 -12.94
N ALA D 20 -4.74 39.46 -12.61
CA ALA D 20 -6.15 39.35 -12.24
C ALA D 20 -7.00 38.74 -13.33
N ALA D 21 -6.76 39.13 -14.56
CA ALA D 21 -7.52 38.57 -15.66
C ALA D 21 -7.18 37.09 -15.78
N ASN D 22 -5.91 36.72 -15.64
CA ASN D 22 -5.55 35.31 -15.73
C ASN D 22 -6.19 34.53 -14.57
N ARG D 23 -6.12 35.09 -13.36
CA ARG D 23 -6.74 34.43 -12.20
C ARG D 23 -8.24 34.17 -12.48
N ASP D 24 -8.90 35.16 -13.06
CA ASP D 24 -10.31 35.00 -13.35
C ASP D 24 -10.55 33.89 -14.35
N HIS D 25 -9.72 33.84 -15.38
CA HIS D 25 -9.92 32.85 -16.42
C HIS D 25 -9.68 31.44 -15.87
N VAL D 26 -8.68 31.27 -15.01
CA VAL D 26 -8.43 29.97 -14.45
C VAL D 26 -9.46 29.56 -13.41
N THR D 27 -9.80 30.48 -12.50
CA THR D 27 -10.77 30.13 -11.47
C THR D 27 -12.14 29.83 -12.06
N ARG D 28 -12.59 30.59 -13.04
CA ARG D 28 -13.90 30.31 -13.67
C ARG D 28 -13.91 28.89 -14.27
N CYS D 29 -12.84 28.56 -14.95
CA CYS D 29 -12.68 27.27 -15.56
C CYS D 29 -12.65 26.12 -14.51
N VAL D 30 -12.02 26.37 -13.35
CA VAL D 30 -12.00 25.39 -12.28
C VAL D 30 -13.45 25.18 -11.82
N ALA D 31 -14.12 26.30 -11.52
CA ALA D 31 -15.48 26.22 -11.03
C ALA D 31 -16.41 25.53 -12.03
N GLN D 32 -16.28 25.88 -13.30
CA GLN D 32 -17.14 25.27 -14.31
C GLN D 32 -16.92 23.77 -14.53
N THR D 33 -15.81 23.19 -14.08
CA THR D 33 -15.63 21.76 -14.27
C THR D 33 -16.09 21.04 -13.02
N GLY D 34 -16.58 21.78 -12.03
CA GLY D 34 -17.03 21.17 -10.80
C GLY D 34 -16.06 21.25 -9.62
N GLY D 35 -15.04 22.08 -9.74
CA GLY D 35 -14.07 22.21 -8.67
C GLY D 35 -14.66 22.88 -7.45
N SER D 36 -14.28 22.38 -6.28
CA SER D 36 -14.70 22.91 -4.98
C SER D 36 -14.13 24.31 -4.70
N PRO D 37 -14.76 25.05 -3.78
CA PRO D 37 -14.31 26.41 -3.39
C PRO D 37 -12.87 26.32 -2.90
N ASP D 38 -12.57 25.26 -2.18
CA ASP D 38 -11.22 25.07 -1.68
C ASP D 38 -10.17 24.98 -2.80
N LEU D 39 -10.50 24.31 -3.92
CA LEU D 39 -9.56 24.20 -5.06
C LEU D 39 -9.43 25.53 -5.81
N VAL D 40 -10.55 26.26 -5.86
CA VAL D 40 -10.58 27.57 -6.48
C VAL D 40 -9.62 28.44 -5.64
N ALA D 41 -9.72 28.38 -4.32
CA ALA D 41 -8.81 29.16 -3.49
C ALA D 41 -7.34 28.77 -3.74
N HIS D 42 -7.11 27.46 -3.84
CA HIS D 42 -5.78 26.97 -4.05
C HIS D 42 -5.17 27.53 -5.34
N THR D 43 -5.93 27.47 -6.43
CA THR D 43 -5.40 27.95 -7.70
C THR D 43 -5.30 29.47 -7.77
N ALA D 44 -6.20 30.16 -7.07
CA ALA D 44 -6.23 31.60 -7.07
C ALA D 44 -5.01 32.17 -6.37
N ALA D 45 -4.51 31.42 -5.40
CA ALA D 45 -3.34 31.82 -4.66
C ALA D 45 -2.02 31.55 -5.40
N LEU D 46 -2.04 30.98 -6.61
CA LEU D 46 -0.78 30.70 -7.35
C LEU D 46 -0.33 31.96 -8.10
N ARG D 47 0.08 32.98 -7.36
CA ARG D 47 0.47 34.25 -7.98
C ARG D 47 1.64 34.22 -8.99
N LEU D 48 2.74 33.59 -8.62
CA LEU D 48 3.88 33.53 -9.53
C LEU D 48 3.42 32.90 -10.86
N TYR D 49 2.66 31.82 -10.76
CA TYR D 49 2.17 31.12 -11.94
C TYR D 49 1.20 31.92 -12.82
N LEU D 50 0.29 32.68 -12.21
CA LEU D 50 -0.68 33.51 -12.96
C LEU D 50 -0.06 34.82 -13.51
N ARG D 51 1.03 35.23 -12.91
CA ARG D 51 1.68 36.47 -13.29
C ARG D 51 2.76 36.33 -14.34
N VAL D 52 3.50 35.24 -14.31
CA VAL D 52 4.60 35.08 -15.24
C VAL D 52 4.19 35.15 -16.73
N PRO D 53 2.96 34.72 -17.07
CA PRO D 53 2.69 34.81 -18.50
C PRO D 53 2.71 36.26 -18.96
N HIS D 54 2.54 37.18 -18.01
CA HIS D 54 2.56 38.59 -18.41
C HIS D 54 3.94 38.94 -18.98
N PHE D 55 4.99 38.46 -18.32
CA PHE D 55 6.33 38.69 -18.77
C PHE D 55 6.62 37.97 -20.09
N LEU D 56 6.14 36.73 -20.24
CA LEU D 56 6.45 35.97 -21.44
C LEU D 56 5.88 36.57 -22.70
N THR D 57 4.75 37.27 -22.56
CA THR D 57 4.07 37.89 -23.69
C THR D 57 4.42 39.36 -23.98
N GLU D 58 5.43 39.91 -23.30
CA GLU D 58 5.86 41.29 -23.48
C GLU D 58 6.14 41.73 -24.94
N TRP D 59 6.49 40.79 -25.80
CA TRP D 59 6.77 41.12 -27.20
C TRP D 59 5.48 41.16 -28.04
N THR D 60 4.33 40.87 -27.45
CA THR D 60 3.12 40.84 -28.25
C THR D 60 2.57 42.22 -28.42
N THR D 61 2.49 42.70 -29.66
CA THR D 61 2.04 44.05 -29.94
C THR D 61 0.56 44.29 -29.80
N ASP D 62 -0.27 43.37 -30.28
CA ASP D 62 -1.71 43.53 -30.16
C ASP D 62 -2.20 43.10 -28.75
N PRO D 63 -2.84 44.01 -28.01
CA PRO D 63 -3.34 43.76 -26.65
C PRO D 63 -4.39 42.65 -26.56
N ASP D 64 -5.26 42.55 -27.55
CA ASP D 64 -6.23 41.48 -27.47
C ASP D 64 -5.56 40.12 -27.63
N ARG D 65 -4.60 40.00 -28.54
CA ARG D 65 -3.91 38.75 -28.70
C ARG D 65 -3.05 38.53 -27.45
N ARG D 66 -2.40 39.58 -26.96
CA ARG D 66 -1.58 39.43 -25.77
C ARG D 66 -2.40 38.89 -24.59
N ALA D 67 -3.58 39.46 -24.36
CA ALA D 67 -4.45 39.02 -23.26
C ALA D 67 -4.87 37.54 -23.43
N ALA D 68 -5.22 37.17 -24.66
CA ALA D 68 -5.62 35.81 -24.91
C ALA D 68 -4.48 34.81 -24.65
N VAL D 69 -3.30 35.07 -25.19
CA VAL D 69 -2.20 34.17 -24.99
C VAL D 69 -1.80 34.07 -23.51
N SER D 70 -1.82 35.21 -22.83
CA SER D 70 -1.46 35.23 -21.44
C SER D 70 -2.33 34.31 -20.59
N ARG D 71 -3.63 34.42 -20.76
CA ARG D 71 -4.50 33.58 -19.95
C ARG D 71 -4.39 32.10 -20.31
N ALA D 72 -4.15 31.82 -21.59
CA ALA D 72 -4.00 30.45 -22.09
C ALA D 72 -2.77 29.83 -21.46
N LEU D 73 -1.68 30.60 -21.43
CA LEU D 73 -0.48 30.09 -20.82
C LEU D 73 -0.75 29.88 -19.36
N ALA D 74 -1.55 30.73 -18.75
CA ALA D 74 -1.82 30.55 -17.32
C ALA D 74 -2.59 29.26 -17.05
N LEU D 75 -3.55 28.95 -17.90
CA LEU D 75 -4.32 27.72 -17.73
C LEU D 75 -3.36 26.50 -17.63
N ASP D 76 -2.45 26.37 -18.59
CA ASP D 76 -1.54 25.23 -18.62
C ASP D 76 -0.47 25.23 -17.52
N ILE D 77 0.08 26.40 -17.22
CA ILE D 77 1.08 26.50 -16.18
C ILE D 77 0.45 26.06 -14.84
N VAL D 78 -0.73 26.60 -14.53
CA VAL D 78 -1.42 26.21 -13.30
C VAL D 78 -1.70 24.68 -13.31
N SER D 79 -2.14 24.18 -14.45
CA SER D 79 -2.44 22.79 -14.62
C SER D 79 -1.26 21.91 -14.27
N MET D 80 -0.08 22.33 -14.72
CA MET D 80 1.15 21.57 -14.47
C MET D 80 1.52 21.67 -13.01
N LYS D 81 1.12 22.76 -12.38
CA LYS D 81 1.43 22.89 -10.97
C LYS D 81 0.50 21.96 -10.23
N LEU D 82 -0.75 21.86 -10.70
CA LEU D 82 -1.69 20.93 -10.09
C LEU D 82 -1.14 19.49 -10.22
N LEU D 83 -0.56 19.18 -11.39
CA LEU D 83 -0.01 17.84 -11.58
C LEU D 83 1.11 17.62 -10.55
N ASP D 84 1.94 18.65 -10.34
CA ASP D 84 3.01 18.56 -9.33
C ASP D 84 2.39 18.35 -7.93
N ASP D 85 1.27 19.02 -7.66
CA ASP D 85 0.59 18.90 -6.37
C ASP D 85 0.11 17.47 -6.17
N LEU D 86 -0.33 16.88 -7.27
CA LEU D 86 -0.84 15.52 -7.27
C LEU D 86 0.29 14.52 -7.00
N MET D 87 1.51 14.85 -7.39
CA MET D 87 2.53 13.87 -7.08
C MET D 87 3.03 14.03 -5.65
N ASP D 88 3.06 15.24 -5.13
CA ASP D 88 3.49 15.41 -3.75
C ASP D 88 2.39 14.94 -2.80
N ASP D 89 1.14 15.01 -3.26
CA ASP D 89 -0.01 14.63 -2.42
C ASP D 89 -0.01 15.24 -0.99
N ASP D 90 0.24 16.53 -0.87
CA ASP D 90 0.28 17.17 0.44
C ASP D 90 -0.55 18.46 0.52
N THR D 91 -1.50 18.66 -0.40
CA THR D 91 -2.30 19.88 -0.39
C THR D 91 -3.60 19.76 0.42
N GLY D 92 -3.98 18.54 0.75
CA GLY D 92 -5.20 18.31 1.49
C GLY D 92 -6.41 18.29 0.56
N LEU D 93 -6.19 18.50 -0.74
CA LEU D 93 -7.29 18.49 -1.67
C LEU D 93 -7.66 17.08 -2.07
N ASP D 94 -8.92 16.84 -2.38
CA ASP D 94 -9.32 15.51 -2.82
C ASP D 94 -8.56 15.23 -4.15
N ARG D 95 -7.83 14.12 -4.22
CA ARG D 95 -7.06 13.82 -5.42
C ARG D 95 -7.87 13.68 -6.70
N VAL D 96 -9.13 13.25 -6.60
CA VAL D 96 -9.95 13.12 -7.81
C VAL D 96 -10.25 14.50 -8.44
N GLU D 97 -10.66 15.48 -7.64
CA GLU D 97 -10.95 16.76 -8.27
C GLU D 97 -9.65 17.41 -8.74
N LEU D 98 -8.56 17.11 -8.07
CA LEU D 98 -7.29 17.71 -8.44
C LEU D 98 -6.87 17.20 -9.84
N ALA D 99 -6.84 15.88 -9.99
CA ALA D 99 -6.49 15.26 -11.25
C ALA D 99 -7.45 15.67 -12.37
N CYS D 100 -8.76 15.63 -12.11
CA CYS D 100 -9.73 15.97 -13.17
C CYS D 100 -9.70 17.41 -13.62
N VAL D 101 -9.45 18.31 -12.68
CA VAL D 101 -9.39 19.73 -13.01
C VAL D 101 -8.05 20.00 -13.69
N CYS D 102 -7.02 19.32 -13.22
CA CYS D 102 -5.70 19.45 -13.83
C CYS D 102 -5.87 19.16 -15.32
N LEU D 103 -6.55 18.06 -15.65
CA LEU D 103 -6.72 17.70 -17.05
C LEU D 103 -7.59 18.69 -17.82
N ARG D 104 -8.72 19.10 -17.23
CA ARG D 104 -9.61 20.02 -17.92
C ARG D 104 -8.92 21.37 -18.27
N LEU D 105 -8.19 21.95 -17.31
CA LEU D 105 -7.49 23.21 -17.58
C LEU D 105 -6.48 23.07 -18.73
N HIS D 106 -5.75 21.95 -18.72
CA HIS D 106 -4.75 21.68 -19.71
C HIS D 106 -5.37 21.53 -21.10
N LEU D 107 -6.48 20.79 -21.17
CA LEU D 107 -7.12 20.60 -22.47
C LEU D 107 -7.63 21.95 -22.99
N ARG D 108 -8.15 22.82 -22.13
CA ARG D 108 -8.62 24.09 -22.64
C ARG D 108 -7.41 24.95 -23.10
N ALA D 109 -6.28 24.83 -22.41
CA ALA D 109 -5.12 25.63 -22.79
C ALA D 109 -4.57 25.18 -24.15
N LEU D 110 -4.66 23.88 -24.46
CA LEU D 110 -4.17 23.39 -25.75
C LEU D 110 -5.04 23.98 -26.85
N HIS D 111 -6.34 24.01 -26.62
CA HIS D 111 -7.25 24.57 -27.57
C HIS D 111 -7.03 26.06 -27.78
N GLU D 112 -6.93 26.82 -26.70
CA GLU D 112 -6.72 28.27 -26.81
C GLU D 112 -5.39 28.57 -27.51
N LEU D 113 -4.30 27.97 -27.06
CA LEU D 113 -3.01 28.15 -27.71
C LEU D 113 -3.02 27.78 -29.20
N GLU D 114 -3.56 26.62 -29.55
CA GLU D 114 -3.58 26.24 -30.97
C GLU D 114 -4.43 27.17 -31.82
N SER D 115 -5.42 27.82 -31.23
CA SER D 115 -6.27 28.77 -31.93
C SER D 115 -5.48 30.00 -32.27
N LEU D 116 -4.38 30.19 -31.54
CA LEU D 116 -3.58 31.38 -31.75
C LEU D 116 -2.23 31.12 -32.41
N ALA D 117 -1.90 29.84 -32.58
CA ALA D 117 -0.60 29.44 -33.11
C ALA D 117 -0.32 29.83 -34.58
N ARG D 118 0.94 30.09 -34.88
CA ARG D 118 1.31 30.48 -36.24
C ARG D 118 1.02 29.28 -37.15
N ASP D 119 1.63 28.15 -36.77
CA ASP D 119 1.52 26.88 -37.48
C ASP D 119 0.64 25.94 -36.65
N PRO D 120 -0.12 25.08 -37.32
CA PRO D 120 -0.99 24.14 -36.60
C PRO D 120 -0.26 23.03 -35.81
N LYS D 121 1.04 22.89 -35.96
CA LYS D 121 1.70 21.86 -35.20
C LYS D 121 2.70 22.50 -34.25
N ALA D 122 2.82 23.82 -34.27
CA ALA D 122 3.79 24.44 -33.42
C ALA D 122 3.61 24.06 -31.94
N VAL D 123 2.39 24.15 -31.43
CA VAL D 123 2.17 23.84 -30.03
C VAL D 123 2.61 22.44 -29.64
N THR D 124 2.17 21.41 -30.37
CA THR D 124 2.55 20.06 -30.02
C THR D 124 4.00 19.79 -30.30
N ASP D 125 4.60 20.49 -31.26
CA ASP D 125 6.05 20.27 -31.50
C ASP D 125 6.80 20.74 -30.28
N ILE D 126 6.45 21.93 -29.80
CA ILE D 126 7.11 22.52 -28.65
C ILE D 126 6.96 21.65 -27.42
N LEU D 127 5.75 21.12 -27.16
CA LEU D 127 5.55 20.28 -25.99
C LEU D 127 6.24 18.93 -26.09
N GLU D 128 6.36 18.39 -27.30
CA GLU D 128 7.01 17.08 -27.45
C GLU D 128 8.54 17.17 -27.50
N GLN D 129 9.06 18.22 -28.13
CA GLN D 129 10.51 18.47 -28.29
C GLN D 129 11.40 17.97 -27.15
N ASP D 130 11.14 18.47 -25.95
CA ASP D 130 11.93 18.08 -24.81
C ASP D 130 11.11 17.55 -23.64
N ALA D 131 10.04 16.82 -23.96
CA ALA D 131 9.19 16.21 -22.95
C ALA D 131 10.02 15.23 -22.09
N VAL D 132 10.85 14.41 -22.73
CA VAL D 132 11.69 13.48 -21.98
C VAL D 132 12.62 14.25 -21.04
N HIS D 133 13.25 15.30 -21.56
CA HIS D 133 14.11 16.05 -20.69
C HIS D 133 13.30 16.58 -19.49
N LEU D 134 12.15 17.22 -19.74
CA LEU D 134 11.36 17.74 -18.63
C LEU D 134 10.78 16.66 -17.69
N CYS D 135 10.10 15.66 -18.24
CA CYS D 135 9.45 14.64 -17.40
C CYS D 135 10.48 13.71 -16.71
N GLY D 136 11.38 13.10 -17.48
CA GLY D 136 12.43 12.26 -16.92
C GLY D 136 13.27 13.09 -15.96
N GLY D 137 13.53 14.36 -16.30
CA GLY D 137 14.32 15.22 -15.43
C GLY D 137 13.60 15.45 -14.11
N GLN D 138 12.31 15.68 -14.18
CA GLN D 138 11.52 15.90 -12.99
C GLN D 138 11.63 14.70 -12.04
N ILE D 139 11.49 13.49 -12.57
CA ILE D 139 11.63 12.33 -11.69
C ILE D 139 12.98 12.38 -10.97
N ARG D 140 14.03 12.81 -11.66
CA ARG D 140 15.34 12.86 -11.02
C ARG D 140 15.45 13.96 -9.99
N THR D 141 14.85 15.11 -10.24
CA THR D 141 14.96 16.17 -9.26
C THR D 141 14.14 15.85 -8.01
N LYS D 142 12.99 15.19 -8.17
CA LYS D 142 12.14 14.82 -7.04
C LYS D 142 12.72 13.66 -6.21
N ARG D 143 13.58 12.85 -6.83
CA ARG D 143 14.12 11.69 -6.11
C ARG D 143 15.61 11.67 -5.77
N SER D 144 16.30 12.76 -6.05
CA SER D 144 17.71 12.86 -5.74
C SER D 144 17.96 14.26 -5.16
N ARG D 145 19.12 14.48 -4.55
CA ARG D 145 19.38 15.80 -3.96
C ARG D 145 20.74 16.32 -4.39
N ALA D 146 20.85 17.63 -4.57
CA ALA D 146 22.11 18.24 -4.97
C ALA D 146 23.08 18.31 -3.78
N THR D 147 24.34 17.99 -4.05
CA THR D 147 25.37 18.05 -3.01
C THR D 147 26.37 19.18 -3.28
N ASN D 148 26.30 19.77 -4.47
CA ASN D 148 27.19 20.86 -4.86
C ASN D 148 26.46 21.83 -5.79
N LEU D 149 27.13 22.86 -6.29
CA LEU D 149 26.45 23.81 -7.16
C LEU D 149 26.13 23.25 -8.54
N ARG D 150 27.05 22.49 -9.11
CA ARG D 150 26.81 21.92 -10.41
C ARG D 150 25.52 21.08 -10.41
N GLU D 151 25.36 20.24 -9.40
CA GLU D 151 24.18 19.41 -9.32
C GLU D 151 22.96 20.27 -9.00
N TRP D 152 23.15 21.32 -8.21
CA TRP D 152 22.00 22.14 -7.90
C TRP D 152 21.44 22.78 -9.19
N ARG D 153 22.33 23.43 -9.94
CA ARG D 153 21.98 24.09 -11.19
C ARG D 153 21.39 23.08 -12.19
N ALA D 154 21.90 21.85 -12.16
CA ALA D 154 21.42 20.81 -13.06
C ALA D 154 19.93 20.56 -12.87
N HIS D 155 19.52 20.35 -11.61
CA HIS D 155 18.11 20.14 -11.32
C HIS D 155 17.31 21.36 -11.65
N ALA D 156 17.78 22.53 -11.21
CA ALA D 156 17.08 23.77 -11.48
C ALA D 156 16.86 24.06 -12.98
N SER D 157 17.71 23.56 -13.87
CA SER D 157 17.48 23.87 -15.28
C SER D 157 16.37 23.00 -15.91
N THR D 158 15.87 21.99 -15.18
CA THR D 158 14.78 21.23 -15.78
C THR D 158 13.49 21.74 -15.20
N TYR D 159 13.37 21.76 -13.88
CA TYR D 159 12.12 22.23 -13.28
C TYR D 159 11.94 23.75 -13.30
N GLY D 160 13.01 24.46 -13.63
CA GLY D 160 12.89 25.89 -13.68
C GLY D 160 13.01 26.32 -15.13
N SER D 161 14.22 26.17 -15.65
CA SER D 161 14.49 26.62 -17.01
C SER D 161 13.77 25.95 -18.15
N THR D 162 13.83 24.62 -18.17
CA THR D 162 13.16 23.92 -19.26
C THR D 162 11.68 24.17 -19.12
N PHE D 163 11.20 24.18 -17.89
CA PHE D 163 9.78 24.42 -17.64
C PHE D 163 9.32 25.76 -18.18
N LEU D 164 9.95 26.85 -17.78
CA LEU D 164 9.49 28.15 -18.30
C LEU D 164 9.87 28.38 -19.77
N GLY D 165 10.98 27.74 -20.20
CA GLY D 165 11.43 27.87 -21.58
C GLY D 165 10.34 27.46 -22.56
N ARG D 166 9.69 26.31 -22.33
CA ARG D 166 8.62 25.81 -23.19
C ARG D 166 7.51 26.85 -23.31
N TYR D 167 7.14 27.46 -22.18
CA TYR D 167 6.10 28.49 -22.18
C TYR D 167 6.58 29.76 -22.91
N GLY D 168 7.86 30.06 -22.80
CA GLY D 168 8.35 31.20 -23.59
C GLY D 168 8.24 30.86 -25.09
N ALA D 169 8.59 29.62 -25.47
CA ALA D 169 8.52 29.23 -26.87
C ALA D 169 7.08 29.27 -27.37
N LEU D 170 6.16 28.86 -26.49
CA LEU D 170 4.74 28.88 -26.80
C LEU D 170 4.25 30.31 -26.92
N ALA D 171 4.76 31.21 -26.08
CA ALA D 171 4.35 32.63 -26.13
C ALA D 171 4.72 33.20 -27.49
N ALA D 172 5.92 32.87 -27.94
CA ALA D 172 6.46 33.32 -29.23
C ALA D 172 5.63 32.72 -30.36
N ALA D 173 5.32 31.44 -30.26
CA ALA D 173 4.56 30.79 -31.32
C ALA D 173 3.14 31.30 -31.45
N CYS D 174 2.57 31.75 -30.35
CA CYS D 174 1.20 32.21 -30.39
C CYS D 174 1.14 33.69 -30.31
N GLY D 175 2.30 34.34 -30.24
CA GLY D 175 2.36 35.78 -30.10
C GLY D 175 2.19 36.69 -31.31
N GLY D 176 1.72 36.14 -32.42
CA GLY D 176 1.54 36.97 -33.59
C GLY D 176 2.89 37.38 -34.17
N GLU D 177 2.93 38.52 -34.85
CA GLU D 177 4.15 38.97 -35.48
C GLU D 177 5.12 39.71 -34.58
N GLY D 178 6.41 39.68 -34.91
CA GLY D 178 7.44 40.38 -34.13
C GLY D 178 7.98 39.64 -32.91
N GLN D 179 7.87 38.31 -32.91
CA GLN D 179 8.32 37.49 -31.80
C GLN D 179 9.65 36.80 -32.10
N PRO D 180 10.75 37.22 -31.44
CA PRO D 180 12.08 36.61 -31.67
C PRO D 180 12.11 35.33 -30.85
N ALA D 181 11.54 34.28 -31.42
CA ALA D 181 11.40 32.98 -30.75
C ALA D 181 12.55 32.47 -29.87
N ASP D 182 13.78 32.53 -30.38
CA ASP D 182 14.92 32.06 -29.58
C ASP D 182 15.13 32.96 -28.38
N SER D 183 14.88 34.24 -28.55
CA SER D 183 15.11 35.18 -27.46
C SER D 183 14.05 35.11 -26.35
N VAL D 184 12.80 34.89 -26.71
CA VAL D 184 11.81 34.81 -25.67
C VAL D 184 12.09 33.57 -24.83
N ARG D 185 12.59 32.51 -25.46
CA ARG D 185 12.90 31.32 -24.69
C ARG D 185 14.13 31.50 -23.81
N GLU D 186 15.15 32.18 -24.33
CA GLU D 186 16.40 32.47 -23.60
C GLU D 186 16.09 33.29 -22.36
N PHE D 187 15.24 34.30 -22.54
CA PHE D 187 14.79 35.12 -21.42
C PHE D 187 14.07 34.23 -20.38
N ALA D 188 13.13 33.42 -20.85
CA ALA D 188 12.41 32.55 -19.93
C ALA D 188 13.36 31.62 -19.18
N GLU D 189 14.28 31.00 -19.88
CA GLU D 189 15.16 30.07 -19.19
C GLU D 189 16.08 30.70 -18.19
N ALA D 190 16.55 31.91 -18.47
CA ALA D 190 17.44 32.59 -17.52
C ALA D 190 16.60 33.16 -16.35
N PHE D 191 15.50 33.83 -16.67
CA PHE D 191 14.69 34.39 -15.63
C PHE D 191 14.20 33.29 -14.66
N ALA D 192 13.75 32.16 -15.20
CA ALA D 192 13.27 31.09 -14.35
C ALA D 192 14.31 30.64 -13.35
N MET D 193 15.58 30.58 -13.75
CA MET D 193 16.55 30.10 -12.80
C MET D 193 16.87 31.12 -11.72
N THR D 194 16.79 32.39 -12.08
CA THR D 194 17.04 33.40 -11.07
C THR D 194 15.95 33.21 -10.01
N ILE D 195 14.71 33.00 -10.43
CA ILE D 195 13.62 32.83 -9.47
C ILE D 195 13.79 31.57 -8.60
N THR D 196 14.33 30.53 -9.24
CA THR D 196 14.57 29.25 -8.60
C THR D 196 15.58 29.47 -7.45
N MET D 197 16.55 30.34 -7.66
CA MET D 197 17.53 30.62 -6.64
C MET D 197 16.90 31.43 -5.53
N ALA D 198 16.04 32.37 -5.89
CA ALA D 198 15.35 33.18 -4.90
C ALA D 198 14.46 32.30 -4.05
N ASP D 199 13.80 31.34 -4.69
CA ASP D 199 12.90 30.44 -4.00
C ASP D 199 13.63 29.66 -2.92
N ASP D 200 14.78 29.10 -3.26
CA ASP D 200 15.57 28.31 -2.31
C ASP D 200 16.07 29.10 -1.12
N LEU D 201 16.59 30.29 -1.37
CA LEU D 201 17.11 31.15 -0.33
C LEU D 201 15.96 31.58 0.59
N THR D 202 14.77 31.67 0.05
CA THR D 202 13.64 32.05 0.89
C THR D 202 13.15 30.88 1.73
N ASP D 203 12.92 29.75 1.07
CA ASP D 203 12.40 28.57 1.74
C ASP D 203 13.26 27.99 2.85
N TYR D 204 14.56 28.34 2.86
CA TYR D 204 15.45 27.87 3.94
C TYR D 204 14.87 28.30 5.31
N ASP D 205 14.27 29.49 5.35
CA ASP D 205 13.65 30.05 6.56
C ASP D 205 12.15 29.87 6.58
N ARG D 206 11.49 30.13 5.46
CA ARG D 206 10.04 30.01 5.44
C ARG D 206 9.48 28.58 5.59
N ASN D 207 10.28 27.57 5.24
CA ASN D 207 9.88 26.17 5.32
C ASN D 207 10.88 25.29 6.06
N GLY D 208 12.03 25.85 6.40
CA GLY D 208 13.04 25.04 7.08
C GLY D 208 13.65 23.98 6.16
N GLU D 209 13.63 24.21 4.85
CA GLU D 209 14.19 23.23 3.91
C GLU D 209 15.70 23.18 4.10
N ARG D 210 16.30 21.99 3.92
CA ARG D 210 17.75 21.83 4.07
C ARG D 210 18.48 20.99 3.01
N ASP D 211 18.16 19.71 2.87
CA ASP D 211 18.83 18.87 1.88
C ASP D 211 18.66 19.35 0.44
N GLY D 212 19.79 19.67 -0.18
CA GLY D 212 19.79 20.15 -1.54
C GLY D 212 19.40 21.62 -1.64
N ASN D 213 19.00 22.25 -0.53
CA ASN D 213 18.62 23.66 -0.59
C ASN D 213 19.87 24.55 -0.74
N LEU D 214 19.87 25.40 -1.76
CA LEU D 214 21.00 26.28 -2.06
C LEU D 214 21.58 26.99 -0.82
N ALA D 215 20.74 27.65 -0.03
CA ALA D 215 21.20 28.31 1.17
C ALA D 215 21.93 27.31 2.09
N HIS D 216 21.34 26.14 2.30
CA HIS D 216 21.99 25.15 3.17
C HIS D 216 23.35 24.74 2.59
N LEU D 217 23.40 24.47 1.28
CA LEU D 217 24.66 24.09 0.66
C LEU D 217 25.71 25.19 0.85
N MET D 218 25.26 26.41 1.04
CA MET D 218 26.20 27.50 1.23
C MET D 218 26.66 27.52 2.67
N ARG D 219 25.72 27.51 3.60
CA ARG D 219 26.04 27.54 5.01
C ARG D 219 26.90 26.34 5.41
N THR D 220 26.74 25.25 4.68
CA THR D 220 27.49 24.04 4.97
C THR D 220 28.84 24.10 4.30
N GLY D 221 29.05 25.13 3.50
CA GLY D 221 30.31 25.25 2.80
C GLY D 221 30.46 24.41 1.53
N ALA D 222 29.40 23.72 1.12
CA ALA D 222 29.46 22.88 -0.09
C ALA D 222 29.37 23.70 -1.39
N VAL D 223 28.87 24.91 -1.26
CA VAL D 223 28.73 25.82 -2.39
C VAL D 223 29.30 27.16 -1.94
N ALA D 224 30.17 27.71 -2.77
CA ALA D 224 30.85 28.98 -2.57
C ALA D 224 29.97 30.21 -2.84
N GLY D 225 29.82 31.09 -1.85
CA GLY D 225 28.99 32.27 -2.04
C GLY D 225 29.34 33.06 -3.30
N GLN D 226 30.62 33.06 -3.68
CA GLN D 226 31.02 33.83 -4.85
C GLN D 226 30.40 33.20 -6.08
N ASP D 227 30.55 31.87 -6.18
CA ASP D 227 30.01 31.09 -7.29
C ASP D 227 28.52 31.43 -7.55
N VAL D 228 27.77 31.61 -6.48
CA VAL D 228 26.36 31.91 -6.57
C VAL D 228 26.17 33.32 -7.10
N VAL D 229 26.96 34.26 -6.58
CA VAL D 229 26.91 35.65 -7.01
C VAL D 229 27.20 35.65 -8.51
N ASP D 230 28.24 34.92 -8.90
CA ASP D 230 28.61 34.85 -10.30
C ASP D 230 27.46 34.36 -11.16
N LEU D 231 26.79 33.30 -10.68
CA LEU D 231 25.66 32.72 -11.39
C LEU D 231 24.53 33.74 -11.49
N LEU D 232 24.24 34.47 -10.42
CA LEU D 232 23.16 35.47 -10.48
C LEU D 232 23.51 36.48 -11.57
N GLU D 233 24.75 36.97 -11.53
CA GLU D 233 25.20 37.94 -12.50
C GLU D 233 25.07 37.38 -13.91
N GLU D 234 25.50 36.14 -14.10
CA GLU D 234 25.40 35.54 -15.42
C GLU D 234 23.92 35.43 -15.87
N LEU D 235 23.04 35.02 -14.96
CA LEU D 235 21.63 34.88 -15.28
C LEU D 235 21.00 36.21 -15.64
N ARG D 236 21.45 37.28 -14.98
CA ARG D 236 21.01 38.67 -15.22
C ARG D 236 21.39 39.05 -16.68
N GLY D 237 22.66 38.82 -17.02
CA GLY D 237 23.15 39.14 -18.35
C GLY D 237 22.45 38.33 -19.42
N ARG D 238 22.32 37.03 -19.20
CA ARG D 238 21.66 36.14 -20.14
C ARG D 238 20.26 36.71 -20.46
N ALA D 239 19.57 37.19 -19.42
CA ALA D 239 18.22 37.76 -19.58
C ALA D 239 18.20 39.13 -20.29
N LEU D 240 19.11 40.02 -19.90
CA LEU D 240 19.16 41.33 -20.52
C LEU D 240 19.51 41.22 -21.99
N ALA D 241 20.46 40.35 -22.31
CA ALA D 241 20.83 40.19 -23.71
C ALA D 241 19.65 39.64 -24.54
N ALA D 242 18.83 38.78 -23.93
CA ALA D 242 17.72 38.20 -24.64
C ALA D 242 16.67 39.26 -24.96
N VAL D 243 16.37 40.15 -24.00
CA VAL D 243 15.34 41.16 -24.24
C VAL D 243 15.81 42.34 -25.06
N ALA D 244 17.13 42.39 -25.30
CA ALA D 244 17.76 43.42 -26.11
C ALA D 244 17.71 43.05 -27.61
N ALA D 245 17.70 41.74 -27.91
CA ALA D 245 17.65 41.27 -29.28
C ALA D 245 16.43 41.85 -30.01
N PRO D 246 16.57 42.17 -31.30
CA PRO D 246 15.47 42.73 -32.08
C PRO D 246 14.34 41.70 -32.19
N PRO D 247 13.08 42.14 -32.19
CA PRO D 247 12.66 43.55 -32.09
C PRO D 247 12.87 44.18 -30.70
N GLY D 248 13.05 43.35 -29.69
CA GLY D 248 13.31 43.88 -28.35
C GLY D 248 12.10 44.00 -27.43
N ALA D 249 12.32 43.84 -26.13
CA ALA D 249 11.24 43.98 -25.14
C ALA D 249 11.87 44.80 -24.05
N PRO D 250 12.07 46.10 -24.29
CA PRO D 250 12.70 46.99 -23.29
C PRO D 250 11.98 46.97 -21.94
N GLY D 251 10.66 46.75 -21.98
CA GLY D 251 9.87 46.68 -20.77
C GLY D 251 10.37 45.65 -19.76
N LEU D 252 10.99 44.56 -20.21
CA LEU D 252 11.49 43.57 -19.25
C LEU D 252 12.80 43.94 -18.58
N VAL D 253 13.49 44.96 -19.06
CA VAL D 253 14.76 45.30 -18.44
C VAL D 253 14.69 45.53 -16.92
N PRO D 254 13.79 46.41 -16.45
CA PRO D 254 13.69 46.66 -15.02
C PRO D 254 13.24 45.39 -14.26
N VAL D 255 12.33 44.64 -14.86
CA VAL D 255 11.88 43.42 -14.22
C VAL D 255 13.13 42.52 -13.96
N VAL D 256 14.00 42.40 -14.95
CA VAL D 256 15.17 41.57 -14.80
C VAL D 256 16.03 42.05 -13.67
N HIS D 257 16.24 43.36 -13.60
CA HIS D 257 17.08 43.94 -12.56
C HIS D 257 16.42 43.85 -11.19
N LEU D 258 15.12 44.09 -11.13
CA LEU D 258 14.38 44.01 -9.87
C LEU D 258 14.63 42.66 -9.18
N TYR D 259 14.22 41.59 -9.84
CA TYR D 259 14.39 40.25 -9.30
C TYR D 259 15.82 39.84 -9.00
N THR D 260 16.75 40.19 -9.88
CA THR D 260 18.12 39.81 -9.64
C THR D 260 18.75 40.56 -8.48
N ASP D 261 18.45 41.86 -8.36
CA ASP D 261 19.03 42.67 -7.29
C ASP D 261 18.45 42.25 -5.93
N ASP D 262 17.18 41.87 -5.94
CA ASP D 262 16.51 41.42 -4.73
C ASP D 262 17.27 40.23 -4.15
N VAL D 263 17.64 39.28 -4.99
CA VAL D 263 18.38 38.10 -4.52
C VAL D 263 19.71 38.54 -3.92
N LEU D 264 20.39 39.42 -4.64
CA LEU D 264 21.68 39.95 -4.23
C LEU D 264 21.67 40.81 -2.97
N VAL D 265 20.71 41.74 -2.87
CA VAL D 265 20.68 42.59 -1.68
C VAL D 265 19.88 41.99 -0.52
N ARG D 266 18.61 41.69 -0.73
CA ARG D 266 17.81 41.14 0.34
C ARG D 266 18.13 39.70 0.78
N LEU D 267 17.96 38.73 -0.13
CA LEU D 267 18.16 37.32 0.22
C LEU D 267 19.56 36.73 0.44
N LEU D 268 20.51 36.98 -0.45
CA LEU D 268 21.82 36.37 -0.29
C LEU D 268 22.69 36.77 0.91
N PRO D 269 22.52 37.99 1.43
CA PRO D 269 23.38 38.31 2.57
C PRO D 269 23.12 37.43 3.79
N ARG D 270 21.87 37.10 4.03
CA ARG D 270 21.57 36.27 5.20
C ARG D 270 22.30 34.95 5.21
N HIS D 271 22.60 34.38 4.05
CA HIS D 271 23.27 33.08 3.99
C HIS D 271 24.71 33.23 3.64
N LEU D 272 25.04 34.38 3.08
CA LEU D 272 26.42 34.66 2.76
C LEU D 272 26.87 35.24 4.09
N GLY D 273 28.10 34.99 4.49
CA GLY D 273 28.53 35.52 5.78
C GLY D 273 27.93 34.66 6.88
N GLU D 274 27.78 33.39 6.54
CA GLU D 274 27.23 32.35 7.41
C GLU D 274 27.76 31.10 6.74
N ALA D 275 28.40 31.31 5.59
CA ALA D 275 28.96 30.26 4.77
C ALA D 275 30.27 29.68 5.32
N GLY D 276 31.38 30.07 4.72
CA GLY D 276 32.67 29.56 5.15
C GLY D 276 32.84 28.14 4.66
N ALA D 277 33.68 27.95 3.63
CA ALA D 277 33.94 26.64 3.05
C ALA D 277 34.68 25.70 4.02
N GLY D 278 35.48 24.78 3.46
CA GLY D 278 36.24 23.84 4.28
C GLY D 278 37.72 23.83 3.93
N ALA D 279 38.03 23.82 2.63
CA ALA D 279 39.41 23.82 2.12
C ALA D 279 39.72 25.23 1.62
N MET D 280 38.82 25.77 0.79
CA MET D 280 38.96 27.10 0.22
C MET D 280 38.72 28.11 1.34
N ALA D 281 39.81 28.46 2.04
CA ALA D 281 39.75 29.41 3.14
C ALA D 281 41.14 29.60 3.76
N THR D 282 41.88 30.59 3.26
CA THR D 282 43.23 30.85 3.77
C THR D 282 43.63 32.33 3.81
N VAL D 283 44.20 32.73 4.94
CA VAL D 283 44.67 34.10 5.15
C VAL D 283 46.19 34.10 4.96
N LYS D 284 46.74 35.26 4.64
CA LYS D 284 48.17 35.34 4.44
C LYS D 284 48.74 36.61 5.08
N PHE D 285 49.88 36.45 5.73
CA PHE D 285 50.55 37.53 6.43
C PHE D 285 52.02 37.15 6.68
N LYS D 286 52.76 38.00 7.40
CA LYS D 286 54.17 37.77 7.73
C LYS D 286 54.37 37.85 9.24
N TYR D 287 54.39 36.69 9.91
CA TYR D 287 54.55 36.62 11.36
C TYR D 287 55.99 36.34 11.79
N LYS D 288 56.55 37.24 12.60
CA LYS D 288 57.93 37.11 13.08
C LYS D 288 58.89 36.80 11.92
N GLY D 289 58.57 37.30 10.74
CA GLY D 289 59.41 37.07 9.58
C GLY D 289 58.81 36.13 8.54
N GLU D 290 58.79 34.84 8.86
CA GLU D 290 58.24 33.79 7.98
C GLU D 290 56.89 34.19 7.38
N GLU D 291 56.80 34.24 6.05
CA GLU D 291 55.53 34.58 5.42
C GLU D 291 54.62 33.37 5.59
N LYS D 292 53.44 33.58 6.17
CA LYS D 292 52.52 32.49 6.44
C LYS D 292 51.17 32.51 5.74
N GLU D 293 50.40 31.46 6.00
CA GLU D 293 49.04 31.26 5.49
C GLU D 293 48.39 30.23 6.40
N VAL D 294 47.15 30.49 6.82
CA VAL D 294 46.43 29.60 7.71
C VAL D 294 44.99 29.35 7.26
N ASP D 295 44.56 28.10 7.39
CA ASP D 295 43.21 27.68 7.02
C ASP D 295 42.17 28.31 7.96
N ILE D 296 41.19 29.00 7.39
CA ILE D 296 40.13 29.67 8.15
C ILE D 296 39.52 28.88 9.33
N SER D 297 39.46 27.55 9.21
CA SER D 297 38.89 26.74 10.30
C SER D 297 39.90 26.52 11.42
N LYS D 298 41.11 27.07 11.25
CA LYS D 298 42.18 27.00 12.24
C LYS D 298 42.07 28.24 13.13
N ILE D 299 41.54 29.31 12.55
CA ILE D 299 41.34 30.58 13.24
C ILE D 299 40.37 30.41 14.43
N LYS D 300 40.83 30.75 15.63
CA LYS D 300 40.02 30.68 16.84
C LYS D 300 39.41 32.05 17.14
N LYS D 301 40.20 32.96 17.71
CA LYS D 301 39.69 34.28 18.04
C LYS D 301 40.03 35.35 16.97
N VAL D 302 39.09 36.28 16.77
CA VAL D 302 39.24 37.34 15.79
C VAL D 302 38.68 38.67 16.29
N TRP D 303 39.48 39.73 16.20
CA TRP D 303 39.05 41.05 16.64
C TRP D 303 39.71 42.21 15.88
N ARG D 304 39.05 43.36 15.97
CA ARG D 304 39.45 44.58 15.31
C ARG D 304 40.09 45.62 16.25
N VAL D 305 41.14 46.24 15.74
CA VAL D 305 41.88 47.31 16.42
C VAL D 305 42.22 48.34 15.34
N GLY D 306 41.41 49.40 15.29
CA GLY D 306 41.61 50.43 14.29
C GLY D 306 41.15 49.85 12.98
N LYS D 307 42.02 49.84 11.98
CA LYS D 307 41.70 49.27 10.68
C LYS D 307 42.56 48.01 10.50
N MET D 308 42.97 47.43 11.62
CA MET D 308 43.77 46.19 11.61
C MET D 308 42.94 45.01 12.17
N ILE D 309 43.18 43.82 11.63
CA ILE D 309 42.49 42.62 12.07
C ILE D 309 43.54 41.72 12.70
N SER D 310 43.43 41.53 14.01
CA SER D 310 44.35 40.68 14.76
C SER D 310 43.66 39.34 14.97
N PHE D 311 44.40 38.26 15.18
CA PHE D 311 43.76 36.96 15.38
C PHE D 311 44.69 35.88 15.94
N THR D 312 44.11 34.73 16.25
CA THR D 312 44.84 33.57 16.76
C THR D 312 44.36 32.36 15.99
N TYR D 313 45.19 31.33 15.89
CA TYR D 313 44.81 30.13 15.15
C TYR D 313 45.47 28.87 15.69
N ASP D 314 44.86 27.72 15.39
CA ASP D 314 45.39 26.45 15.84
C ASP D 314 46.55 25.97 14.95
N GLU D 315 47.58 25.47 15.61
CA GLU D 315 48.79 24.96 14.96
C GLU D 315 49.44 23.97 15.95
N GLY D 316 50.08 22.92 15.42
CA GLY D 316 50.73 21.94 16.29
C GLY D 316 49.83 21.46 17.41
N GLY D 317 48.51 21.55 17.19
CA GLY D 317 47.55 21.10 18.18
C GLY D 317 47.45 21.94 19.45
N GLY D 318 48.41 21.73 20.36
CA GLY D 318 48.42 22.46 21.61
C GLY D 318 48.97 23.88 21.47
N LYS D 319 49.57 24.18 20.32
CA LYS D 319 50.16 25.50 20.06
C LYS D 319 49.19 26.54 19.50
N THR D 320 49.23 27.75 20.06
CA THR D 320 48.39 28.84 19.58
C THR D 320 49.27 29.83 18.81
N GLY D 321 48.96 29.97 17.52
CA GLY D 321 49.68 30.89 16.66
C GLY D 321 48.93 32.21 16.63
N ARG D 322 49.55 33.26 16.14
CA ARG D 322 48.90 34.56 16.10
C ARG D 322 49.29 35.37 14.87
N GLY D 323 48.52 36.41 14.60
CA GLY D 323 48.78 37.27 13.47
C GLY D 323 47.95 38.54 13.47
N ALA D 324 48.18 39.39 12.47
CA ALA D 324 47.45 40.64 12.33
C ALA D 324 47.61 41.15 10.90
N VAL D 325 46.49 41.37 10.23
CA VAL D 325 46.53 41.85 8.85
C VAL D 325 45.62 43.05 8.69
N SER D 326 45.95 43.91 7.73
CA SER D 326 45.11 45.05 7.45
C SER D 326 43.82 44.46 6.92
N GLU D 327 42.68 45.07 7.26
CA GLU D 327 41.40 44.57 6.77
C GLU D 327 41.46 44.57 5.24
N LYS D 328 42.21 45.53 4.71
CA LYS D 328 42.41 45.72 3.26
C LYS D 328 43.10 44.53 2.62
N ASP D 329 43.77 43.69 3.42
CA ASP D 329 44.48 42.52 2.90
C ASP D 329 43.93 41.22 3.51
N ALA D 330 42.68 41.25 3.96
CA ALA D 330 42.05 40.09 4.57
C ALA D 330 40.85 39.60 3.77
N PRO D 331 40.60 38.27 3.77
CA PRO D 331 39.46 37.72 3.03
C PRO D 331 38.13 37.94 3.76
N LYS D 332 37.04 38.07 2.99
CA LYS D 332 35.70 38.29 3.57
C LYS D 332 35.41 37.21 4.63
N GLU D 333 36.10 36.08 4.50
CA GLU D 333 35.95 34.95 5.43
C GLU D 333 36.35 35.33 6.85
N LEU D 334 37.56 35.85 6.99
CA LEU D 334 38.08 36.29 8.28
C LEU D 334 37.25 37.45 8.81
N LEU D 335 36.86 38.35 7.90
CA LEU D 335 36.07 39.54 8.25
C LEU D 335 34.67 39.21 8.79
N GLN D 336 34.18 38.01 8.48
CA GLN D 336 32.86 37.59 8.95
C GLN D 336 32.94 37.18 10.42
N MET D 337 33.86 36.27 10.73
CA MET D 337 34.05 35.80 12.10
C MET D 337 34.15 37.00 13.04
N LEU D 338 34.64 38.11 12.49
CA LEU D 338 34.84 39.34 13.23
C LEU D 338 33.54 39.91 13.81
N GLU D 339 32.49 39.98 12.99
CA GLU D 339 31.20 40.52 13.45
C GLU D 339 30.29 39.43 14.01
N LYS D 340 30.80 38.21 14.12
CA LYS D 340 30.04 37.09 14.65
C LYS D 340 30.63 36.73 16.02
N GLN D 341 31.64 37.51 16.43
CA GLN D 341 32.34 37.32 17.71
C GLN D 341 32.16 38.50 18.66
N LYS D 342 32.98 39.53 18.51
CA LYS D 342 32.90 40.72 19.37
C LYS D 342 31.80 41.70 18.93
N LYS D 343 31.00 41.29 17.95
CA LYS D 343 29.90 42.11 17.44
C LYS D 343 28.60 41.30 17.51
#